data_6TM4
#
_entry.id   6TM4
#
_cell.length_a   107.460
_cell.length_b   139.240
_cell.length_c   129.660
_cell.angle_alpha   90.000
_cell.angle_beta   90.000
_cell.angle_gamma   90.000
#
_symmetry.space_group_name_H-M   'C 2 2 21'
#
loop_
_entity.id
_entity.type
_entity.pdbx_description
1 polymer 'PaaK-like ligase (AMP-dependent synthetase and ligase)'
2 polymer 'PaaK-like ligase (AMP-dependent synthetase and ligase)'
3 non-polymer '2-HYDROXYBENZOIC ACID'
4 non-polymer 'ZINC ION'
5 non-polymer 'MAGNESIUM ION'
6 non-polymer 'ADENOSINE MONOPHOSPHATE'
7 water water
#
loop_
_entity_poly.entity_id
_entity_poly.type
_entity_poly.pdbx_seq_one_letter_code
_entity_poly.pdbx_strand_id
1 'polypeptide(L)'
;MSRSRPELGDWSSPAELAELQRSQLPRVLAQALRSPFYAARYRGTTPPRTADDFAGVEVTAKQDLRDQYPFGMLAVGREH
LATYHESSGTAGEPTASYYTEEDWTDLAERFARKWTGIHPSDTFLVRTPYGLVITGHLAQAAGRLRGATVVPGDARSLAT
PLSRMVRVLKTLDVTLTWCNPTEITMLAAAAKAAGLRPDQDFPHLRAMFTAAEPLTEVRRRRLSEIWGGIPVVEEYGSTE
TGTIAGQCPEGRMHLWADRAIFEVYDPRTGTLSEAGRGQMVVTPLYRDAMPLLRYNLADDVEVSTDPCGCGWLLPTVTVL
GRAGTGHRIGPATVTQQRLEELVFSLPAAYEVMFWRAKAHPDVLELEFEAPEPVRQRAVKELGAALDRELGVPHRITGLA
PGTLVPAEALTAQRDILKARYLFAEDEDWDKAVMYF
;
AAA
2 'polypeptide(L)'
;AMSRSRPELGDWSSPAELAELQRSQLPRVLAQALRSPFYAARYRGTTPPRTADDFAGVEVTAKQDLRDQYPFGMLAVGRE
HLATYHESSGTAGEPTASYYTEEDWTDLAERFARKWTGIHPSDTFLVRTPYGLVITGHLAQAAGRLRGATVVPGDARSLA
TPLSRMVRVLKTLDVTLTWCNPTEITMLAAAAKAAGLRPDQDFPHLRAMFTAAEPLTEVRRRRLSEIWGGIPVVEEYGST
ETGTIAGQCPEGRMHLWADRAIFEVYDPRTGTLSEAGRGQMVVTPLYRDAMPLLRYNLADDVEVSTDPCGCGWLLPTVTV
LGRAGTGHRIGPATVTQQRLEELVFSLPAAYEVMFWRAKAHPDVLELEFEAPEPVRQRAVKELGAALDRELGVPHRITGL
APGTLVPAEALTAQRDILKARYLFAEDEDWDKAVMYF
;
BBB
#
# COMPACT_ATOMS: atom_id res chain seq x y z
N SER A 4 8.89 30.41 1.37
CA SER A 4 9.24 29.12 2.00
C SER A 4 10.02 28.25 1.00
N ARG A 5 9.31 27.63 0.05
CA ARG A 5 9.87 26.93 -1.14
C ARG A 5 9.28 27.59 -2.39
N PRO A 6 10.07 27.72 -3.49
CA PRO A 6 9.59 28.45 -4.66
C PRO A 6 8.43 27.75 -5.39
N GLU A 7 7.59 28.55 -6.09
CA GLU A 7 6.49 28.09 -6.98
C GLU A 7 6.75 28.58 -8.40
N LEU A 8 6.19 27.90 -9.38
CA LEU A 8 6.21 28.34 -10.80
C LEU A 8 5.76 29.80 -10.86
N GLY A 9 6.62 30.69 -11.36
CA GLY A 9 6.34 32.13 -11.51
C GLY A 9 7.12 33.00 -10.52
N ASP A 10 7.80 32.42 -9.52
CA ASP A 10 8.58 33.19 -8.52
C ASP A 10 9.91 33.65 -9.11
N TRP A 11 10.27 33.17 -10.30
CA TRP A 11 11.49 33.63 -11.03
C TRP A 11 11.07 34.02 -12.45
N SER A 12 11.71 35.04 -13.02
CA SER A 12 11.30 35.67 -14.30
C SER A 12 12.38 35.51 -15.38
N SER A 13 13.54 34.91 -14.98
CA SER A 13 14.73 34.70 -15.86
C SER A 13 15.52 33.47 -15.36
N PRO A 14 16.33 32.85 -16.29
CA PRO A 14 17.32 31.85 -15.92
C PRO A 14 18.30 32.35 -14.85
N ALA A 15 18.66 33.64 -14.90
CA ALA A 15 19.54 34.27 -13.89
C ALA A 15 18.89 34.18 -12.50
N GLU A 16 17.59 34.51 -12.38
CA GLU A 16 16.86 34.51 -11.07
C GLU A 16 16.70 33.07 -10.56
N LEU A 17 16.49 32.12 -11.46
CA LEU A 17 16.39 30.67 -11.10
C LEU A 17 17.70 30.22 -10.46
N ALA A 18 18.85 30.57 -11.06
CA ALA A 18 20.19 30.17 -10.57
C ALA A 18 20.42 30.75 -9.17
N GLU A 19 19.94 31.97 -8.91
CA GLU A 19 20.05 32.65 -7.60
C GLU A 19 19.17 31.93 -6.57
N LEU A 20 17.94 31.55 -6.94
CA LEU A 20 17.04 30.76 -6.05
C LEU A 20 17.73 29.46 -5.65
N GLN A 21 18.53 28.88 -6.54
CA GLN A 21 19.26 27.60 -6.29
C GLN A 21 20.47 27.88 -5.39
N ARG A 22 21.33 28.81 -5.78
CA ARG A 22 22.69 28.97 -5.18
C ARG A 22 22.57 29.43 -3.67
N SER A 23 21.48 30.22 -3.42
CA SER A 23 21.13 30.76 -2.07
C SER A 23 20.87 29.60 -1.08
N GLN A 24 20.46 28.42 -1.56
CA GLN A 24 20.17 27.24 -0.71
C GLN A 24 21.45 26.43 -0.44
N LEU A 25 22.51 26.63 -1.22
CA LEU A 25 23.64 25.65 -1.26
C LEU A 25 24.41 25.64 0.06
N PRO A 26 24.69 26.79 0.71
CA PRO A 26 25.33 26.75 2.03
C PRO A 26 24.58 25.85 3.03
N ARG A 27 23.27 26.00 3.17
CA ARG A 27 22.47 25.14 4.08
C ARG A 27 22.62 23.67 3.65
N VAL A 28 22.42 23.38 2.37
CA VAL A 28 22.43 22.00 1.79
C VAL A 28 23.78 21.34 2.04
N LEU A 29 24.89 22.06 1.79
CA LEU A 29 26.28 21.57 1.99
C LEU A 29 26.54 21.31 3.48
N ALA A 30 26.08 22.19 4.38
CA ALA A 30 26.18 22.01 5.85
C ALA A 30 25.38 20.76 6.25
N GLN A 31 24.18 20.57 5.70
CA GLN A 31 23.32 19.41 6.07
C GLN A 31 24.00 18.11 5.60
N ALA A 32 24.48 18.08 4.35
CA ALA A 32 25.14 16.89 3.76
C ALA A 32 26.28 16.42 4.66
N LEU A 33 27.09 17.32 5.23
CA LEU A 33 28.28 16.95 6.04
C LEU A 33 27.88 16.32 7.37
N ARG A 34 26.61 16.38 7.77
CA ARG A 34 26.12 15.76 9.02
C ARG A 34 25.99 14.23 8.84
N SER A 35 25.89 13.74 7.60
CA SER A 35 25.73 12.29 7.31
C SER A 35 27.10 11.60 7.42
N PRO A 36 27.15 10.36 7.97
CA PRO A 36 28.39 9.59 8.04
C PRO A 36 29.13 9.53 6.69
N PHE A 37 28.38 9.37 5.59
CA PHE A 37 28.97 9.19 4.24
C PHE A 37 29.80 10.41 3.87
N TYR A 38 29.18 11.60 3.91
CA TYR A 38 29.83 12.86 3.46
C TYR A 38 30.88 13.30 4.50
N ALA A 39 30.65 13.07 5.80
CA ALA A 39 31.64 13.41 6.84
C ALA A 39 32.90 12.56 6.63
N ALA A 40 32.74 11.29 6.26
CA ALA A 40 33.85 10.37 5.91
C ALA A 40 34.50 10.82 4.58
N ARG A 41 33.72 11.22 3.59
CA ARG A 41 34.25 11.64 2.26
C ARG A 41 35.21 12.82 2.43
N TYR A 42 34.86 13.79 3.28
CA TYR A 42 35.61 15.06 3.49
C TYR A 42 36.42 15.02 4.78
N ARG A 43 36.61 13.82 5.35
CA ARG A 43 37.49 13.62 6.53
C ARG A 43 38.92 13.98 6.11
N GLY A 44 39.59 14.82 6.91
CA GLY A 44 41.01 15.20 6.73
C GLY A 44 41.21 16.31 5.72
N THR A 45 40.13 16.83 5.12
CA THR A 45 40.13 17.99 4.18
C THR A 45 39.24 19.11 4.74
N THR A 46 39.22 20.26 4.08
CA THR A 46 38.26 21.36 4.31
C THR A 46 37.01 21.06 3.48
N PRO A 47 35.81 20.99 4.08
CA PRO A 47 34.61 20.64 3.35
C PRO A 47 34.07 21.79 2.50
N PRO A 48 33.33 21.54 1.40
CA PRO A 48 32.68 22.62 0.66
C PRO A 48 31.57 23.25 1.52
N ARG A 49 31.48 24.59 1.48
CA ARG A 49 30.55 25.41 2.32
C ARG A 49 29.75 26.43 1.51
N THR A 50 30.28 26.90 0.37
CA THR A 50 29.71 28.03 -0.42
C THR A 50 29.13 27.50 -1.73
N ALA A 51 28.29 28.31 -2.38
CA ALA A 51 27.69 28.04 -3.70
C ALA A 51 28.80 27.78 -4.73
N ASP A 52 29.92 28.50 -4.62
CA ASP A 52 31.07 28.41 -5.57
C ASP A 52 31.79 27.05 -5.37
N ASP A 53 31.93 26.59 -4.11
CA ASP A 53 32.58 25.31 -3.74
C ASP A 53 31.84 24.13 -4.37
N PHE A 54 30.56 24.30 -4.66
CA PHE A 54 29.68 23.25 -5.23
C PHE A 54 30.27 22.72 -6.56
N ALA A 55 30.84 23.59 -7.40
CA ALA A 55 31.40 23.26 -8.73
C ALA A 55 32.35 22.03 -8.65
N GLY A 56 33.11 21.96 -7.51
CA GLY A 56 34.18 20.96 -7.27
C GLY A 56 33.69 19.66 -6.64
N VAL A 57 32.43 19.60 -6.24
CA VAL A 57 31.86 18.48 -5.43
C VAL A 57 31.80 17.19 -6.26
N GLU A 58 32.32 16.09 -5.70
CA GLU A 58 32.34 14.74 -6.30
C GLU A 58 30.92 14.17 -6.42
N VAL A 59 30.67 13.44 -7.50
CA VAL A 59 29.37 12.76 -7.78
C VAL A 59 29.11 11.71 -6.68
N THR A 60 27.83 11.49 -6.37
CA THR A 60 27.36 10.41 -5.48
C THR A 60 26.70 9.35 -6.37
N ALA A 61 27.18 8.10 -6.33
CA ALA A 61 26.69 6.99 -7.18
C ALA A 61 25.60 6.21 -6.44
N LYS A 62 24.72 5.53 -7.17
CA LYS A 62 23.73 4.60 -6.60
C LYS A 62 24.44 3.57 -5.71
N GLN A 63 25.63 3.13 -6.09
CA GLN A 63 26.43 2.13 -5.33
C GLN A 63 26.77 2.71 -3.94
N ASP A 64 27.01 4.02 -3.83
CA ASP A 64 27.29 4.68 -2.53
C ASP A 64 26.05 4.52 -1.63
N LEU A 65 24.86 4.77 -2.18
CA LEU A 65 23.59 4.62 -1.42
C LEU A 65 23.45 3.17 -0.95
N ARG A 66 23.81 2.18 -1.76
CA ARG A 66 23.73 0.74 -1.39
C ARG A 66 24.77 0.41 -0.32
N ASP A 67 26.02 0.89 -0.48
CA ASP A 67 27.14 0.63 0.46
C ASP A 67 26.80 1.22 1.84
N GLN A 68 26.00 2.29 1.89
CA GLN A 68 25.70 3.01 3.16
C GLN A 68 24.42 2.47 3.81
N TYR A 69 23.81 1.39 3.28
CA TYR A 69 22.66 0.70 3.92
C TYR A 69 22.95 0.39 5.38
N PRO A 70 22.04 0.66 6.35
CA PRO A 70 20.80 1.38 6.11
C PRO A 70 20.80 2.91 6.22
N PHE A 71 21.57 3.48 7.14
CA PHE A 71 21.42 4.90 7.57
C PHE A 71 22.75 5.65 7.45
N GLY A 72 23.68 5.18 6.62
CA GLY A 72 24.94 5.88 6.31
C GLY A 72 24.68 7.25 5.67
N MET A 73 23.55 7.43 4.96
CA MET A 73 23.25 8.74 4.29
C MET A 73 22.43 9.66 5.23
N LEU A 74 22.28 9.30 6.50
CA LEU A 74 21.31 9.96 7.42
C LEU A 74 21.94 11.20 8.06
N ALA A 75 21.29 12.36 7.93
CA ALA A 75 21.83 13.65 8.42
C ALA A 75 21.06 14.18 9.66
N VAL A 76 19.95 13.54 10.05
CA VAL A 76 19.12 13.93 11.24
C VAL A 76 19.04 12.76 12.23
N GLY A 77 18.68 13.05 13.48
CA GLY A 77 18.29 12.02 14.45
C GLY A 77 17.13 11.22 13.88
N ARG A 78 17.08 9.92 14.18
CA ARG A 78 15.99 9.03 13.69
C ARG A 78 14.62 9.50 14.21
N GLU A 79 14.56 10.21 15.34
CA GLU A 79 13.29 10.75 15.92
C GLU A 79 12.58 11.68 14.90
N HIS A 80 13.34 12.34 14.00
CA HIS A 80 12.81 13.31 13.00
C HIS A 80 12.36 12.62 11.68
N LEU A 81 12.60 11.31 11.52
CA LEU A 81 12.14 10.57 10.30
C LEU A 81 10.62 10.42 10.37
N ALA A 82 9.96 10.61 9.24
CA ALA A 82 8.51 10.34 9.09
C ALA A 82 8.32 8.96 8.46
N THR A 83 8.98 8.69 7.33
CA THR A 83 8.84 7.41 6.60
C THR A 83 10.21 6.93 6.11
N TYR A 84 10.28 5.62 5.87
CA TYR A 84 11.47 4.91 5.36
C TYR A 84 11.03 4.17 4.11
N HIS A 85 11.88 4.15 3.09
CA HIS A 85 11.57 3.53 1.78
C HIS A 85 12.81 2.79 1.26
N GLU A 86 12.58 1.87 0.33
CA GLU A 86 13.63 1.15 -0.40
C GLU A 86 13.24 1.15 -1.86
N SER A 87 14.25 1.09 -2.72
CA SER A 87 14.09 1.27 -4.17
C SER A 87 13.67 -0.06 -4.79
N SER A 88 13.10 0.00 -5.99
CA SER A 88 12.88 -1.16 -6.91
C SER A 88 14.25 -1.61 -7.44
N GLY A 89 14.29 -2.58 -8.37
CA GLY A 89 15.53 -3.24 -8.82
C GLY A 89 15.88 -4.46 -7.97
N THR A 90 17.16 -4.85 -7.92
CA THR A 90 17.69 -6.03 -7.17
C THR A 90 17.22 -5.95 -5.70
N ALA A 91 16.65 -7.04 -5.19
CA ALA A 91 16.29 -7.22 -3.76
C ALA A 91 17.58 -7.39 -2.93
N GLY A 92 18.61 -8.01 -3.51
CA GLY A 92 19.87 -8.41 -2.83
C GLY A 92 20.65 -7.21 -2.30
N GLU A 93 20.54 -6.05 -2.94
CA GLU A 93 21.27 -4.83 -2.52
C GLU A 93 20.25 -3.71 -2.39
N PRO A 94 19.61 -3.60 -1.21
CA PRO A 94 18.58 -2.59 -1.00
C PRO A 94 19.14 -1.16 -1.01
N THR A 95 18.38 -0.24 -1.58
CA THR A 95 18.69 1.21 -1.59
C THR A 95 17.72 1.91 -0.66
N ALA A 96 18.17 2.34 0.51
CA ALA A 96 17.32 2.95 1.57
C ALA A 96 17.17 4.45 1.31
N SER A 97 15.97 4.97 1.51
CA SER A 97 15.71 6.43 1.51
C SER A 97 14.69 6.74 2.60
N TYR A 98 14.69 7.96 3.09
CA TYR A 98 13.96 8.36 4.31
C TYR A 98 13.81 9.88 4.31
N TYR A 99 12.73 10.34 4.92
CA TYR A 99 12.22 11.72 4.78
C TYR A 99 11.68 12.20 6.13
N THR A 100 11.95 13.46 6.48
CA THR A 100 11.26 14.19 7.58
C THR A 100 9.88 14.60 7.07
N GLU A 101 9.02 15.11 7.96
CA GLU A 101 7.70 15.66 7.57
C GLU A 101 7.92 16.80 6.55
N GLU A 102 8.93 17.65 6.75
CA GLU A 102 9.18 18.83 5.88
C GLU A 102 9.73 18.33 4.53
N ASP A 103 10.58 17.30 4.53
CA ASP A 103 11.02 16.65 3.28
C ASP A 103 9.77 16.23 2.49
N TRP A 104 8.77 15.69 3.18
CA TRP A 104 7.53 15.19 2.54
C TRP A 104 6.75 16.32 1.89
N THR A 105 6.77 17.51 2.44
CA THR A 105 5.99 18.62 1.84
C THR A 105 6.61 18.95 0.48
N ASP A 106 7.93 18.99 0.37
CA ASP A 106 8.64 19.21 -0.93
C ASP A 106 8.28 18.10 -1.92
N LEU A 107 8.34 16.83 -1.48
CA LEU A 107 8.02 15.68 -2.37
C LEU A 107 6.60 15.83 -2.92
N ALA A 108 5.65 16.11 -2.03
CA ALA A 108 4.21 16.19 -2.36
C ALA A 108 3.98 17.34 -3.33
N GLU A 109 4.61 18.49 -3.10
CA GLU A 109 4.46 19.67 -3.97
C GLU A 109 4.96 19.33 -5.38
N ARG A 110 6.10 18.64 -5.48
CA ARG A 110 6.70 18.31 -6.81
C ARG A 110 5.76 17.38 -7.58
N PHE A 111 5.24 16.34 -6.94
CA PHE A 111 4.27 15.46 -7.62
C PHE A 111 3.03 16.25 -8.04
N ALA A 112 2.56 17.17 -7.20
CA ALA A 112 1.30 17.91 -7.43
C ALA A 112 1.42 18.87 -8.61
N ARG A 113 2.64 19.11 -9.13
CA ARG A 113 2.85 19.94 -10.35
C ARG A 113 2.41 19.15 -11.60
N LYS A 114 1.11 19.00 -11.75
CA LYS A 114 0.47 18.34 -12.90
C LYS A 114 -0.21 19.45 -13.69
N TRP A 115 0.14 19.64 -14.96
CA TRP A 115 -0.44 20.73 -15.78
C TRP A 115 -1.97 20.61 -15.83
N THR A 116 -2.53 19.40 -15.64
CA THR A 116 -4.01 19.18 -15.64
C THR A 116 -4.64 19.55 -14.30
N GLY A 117 -3.78 19.81 -13.31
CA GLY A 117 -4.15 20.08 -11.90
C GLY A 117 -4.54 18.80 -11.18
N ILE A 118 -4.53 18.89 -9.85
CA ILE A 118 -5.22 17.96 -8.90
C ILE A 118 -6.06 18.84 -7.96
N HIS A 119 -7.37 18.58 -7.91
CA HIS A 119 -8.37 19.43 -7.25
C HIS A 119 -9.23 18.57 -6.33
N PRO A 120 -9.93 19.19 -5.35
CA PRO A 120 -10.96 18.51 -4.56
C PRO A 120 -12.01 17.77 -5.42
N SER A 121 -12.30 18.30 -6.61
CA SER A 121 -13.30 17.74 -7.57
C SER A 121 -12.79 16.38 -8.09
N ASP A 122 -11.51 16.06 -7.90
CA ASP A 122 -10.91 14.81 -8.44
C ASP A 122 -11.13 13.62 -7.50
N THR A 123 -11.35 12.46 -8.10
CA THR A 123 -11.25 11.13 -7.44
C THR A 123 -10.05 10.43 -8.10
N PHE A 124 -9.04 10.13 -7.30
CA PHE A 124 -7.65 9.84 -7.78
C PHE A 124 -7.31 8.39 -7.43
N LEU A 125 -7.29 7.51 -8.42
CA LEU A 125 -6.89 6.08 -8.22
C LEU A 125 -5.36 5.99 -8.23
N VAL A 126 -4.77 5.63 -7.11
CA VAL A 126 -3.30 5.44 -7.02
C VAL A 126 -3.04 3.95 -7.24
N ARG A 127 -2.52 3.60 -8.42
CA ARG A 127 -2.35 2.19 -8.85
C ARG A 127 -0.86 1.93 -9.06
N THR A 128 -0.06 2.22 -8.04
CA THR A 128 1.38 1.91 -7.94
C THR A 128 1.62 1.27 -6.58
N PRO A 129 2.76 0.61 -6.34
CA PRO A 129 2.96 -0.11 -5.10
C PRO A 129 3.08 0.84 -3.90
N TYR A 130 2.58 0.37 -2.75
CA TYR A 130 2.85 0.98 -1.41
C TYR A 130 3.87 0.17 -0.62
N GLY A 131 4.33 -0.96 -1.17
CA GLY A 131 5.26 -1.86 -0.46
C GLY A 131 6.68 -1.34 -0.55
N LEU A 132 7.13 -0.71 0.54
CA LEU A 132 8.49 -0.12 0.75
C LEU A 132 8.80 1.02 -0.21
N VAL A 133 8.53 0.89 -1.51
CA VAL A 133 8.83 1.99 -2.50
C VAL A 133 7.97 3.21 -2.16
N ILE A 134 8.40 4.38 -2.65
CA ILE A 134 7.75 5.67 -2.30
C ILE A 134 6.47 5.88 -3.12
N THR A 135 6.35 5.22 -4.28
CA THR A 135 5.47 5.62 -5.40
C THR A 135 4.02 5.83 -4.98
N GLY A 136 3.39 4.83 -4.37
CA GLY A 136 2.00 4.91 -3.89
C GLY A 136 1.87 6.03 -2.86
N HIS A 137 2.80 6.10 -1.93
CA HIS A 137 2.78 7.06 -0.81
C HIS A 137 2.91 8.47 -1.40
N LEU A 138 3.71 8.64 -2.44
CA LEU A 138 3.97 9.98 -3.05
C LEU A 138 2.65 10.50 -3.65
N ALA A 139 2.00 9.71 -4.49
CA ALA A 139 0.74 10.13 -5.16
C ALA A 139 -0.33 10.37 -4.09
N GLN A 140 -0.41 9.53 -3.07
CA GLN A 140 -1.41 9.71 -2.01
C GLN A 140 -1.17 11.02 -1.26
N ALA A 141 0.08 11.34 -0.92
CA ALA A 141 0.45 12.59 -0.20
C ALA A 141 0.10 13.80 -1.07
N ALA A 142 0.34 13.73 -2.39
CA ALA A 142 -0.03 14.84 -3.29
C ALA A 142 -1.54 14.98 -3.36
N GLY A 143 -2.27 13.86 -3.44
CA GLY A 143 -3.74 13.90 -3.47
C GLY A 143 -4.30 14.52 -2.19
N ARG A 144 -3.72 14.20 -1.04
CA ARG A 144 -4.16 14.74 0.26
C ARG A 144 -3.82 16.23 0.27
N LEU A 145 -2.63 16.62 -0.23
CA LEU A 145 -2.18 18.04 -0.24
C LEU A 145 -3.21 18.86 -1.03
N ARG A 146 -3.70 18.34 -2.15
CA ARG A 146 -4.54 19.09 -3.10
C ARG A 146 -6.02 18.81 -2.85
N GLY A 147 -6.36 17.95 -1.87
CA GLY A 147 -7.75 17.68 -1.44
C GLY A 147 -8.48 16.71 -2.37
N ALA A 148 -7.80 15.94 -3.22
CA ALA A 148 -8.48 14.99 -4.13
C ALA A 148 -8.88 13.78 -3.30
N THR A 149 -10.02 13.14 -3.55
CA THR A 149 -10.34 11.84 -2.94
C THR A 149 -9.36 10.77 -3.44
N VAL A 150 -8.53 10.23 -2.54
CA VAL A 150 -7.54 9.18 -2.88
C VAL A 150 -8.19 7.80 -2.75
N VAL A 151 -8.16 7.02 -3.84
CA VAL A 151 -8.55 5.58 -3.87
C VAL A 151 -7.25 4.80 -3.93
N PRO A 152 -6.82 4.15 -2.82
CA PRO A 152 -5.53 3.45 -2.77
C PRO A 152 -5.64 2.07 -3.44
N GLY A 153 -5.38 2.01 -4.74
CA GLY A 153 -5.42 0.77 -5.54
C GLY A 153 -4.26 -0.15 -5.18
N ASP A 154 -3.11 0.44 -4.88
CA ASP A 154 -1.86 -0.31 -4.67
C ASP A 154 -1.59 -0.98 -6.04
N ALA A 155 -0.53 -1.75 -6.17
CA ALA A 155 -0.16 -2.48 -7.40
C ALA A 155 0.70 -3.62 -6.92
N ARG A 156 0.57 -4.75 -7.62
CA ARG A 156 1.30 -6.01 -7.32
C ARG A 156 0.76 -6.60 -6.02
N SER A 157 -0.45 -6.24 -5.65
CA SER A 157 -1.09 -6.74 -4.41
C SER A 157 -2.17 -7.73 -4.81
N LEU A 158 -2.22 -8.89 -4.15
CA LEU A 158 -3.32 -9.88 -4.34
C LEU A 158 -4.67 -9.28 -3.93
N ALA A 159 -4.69 -8.22 -3.13
CA ALA A 159 -5.94 -7.56 -2.69
C ALA A 159 -6.62 -6.81 -3.85
N THR A 160 -5.86 -6.33 -4.85
CA THR A 160 -6.40 -5.39 -5.86
C THR A 160 -6.05 -5.84 -7.28
N PRO A 161 -6.68 -6.92 -7.79
CA PRO A 161 -6.50 -7.31 -9.17
C PRO A 161 -7.17 -6.33 -10.13
N LEU A 162 -6.76 -6.41 -11.40
CA LEU A 162 -7.22 -5.52 -12.48
C LEU A 162 -8.74 -5.48 -12.52
N SER A 163 -9.44 -6.61 -12.40
CA SER A 163 -10.92 -6.63 -12.53
C SER A 163 -11.53 -5.67 -11.50
N ARG A 164 -10.97 -5.63 -10.29
CA ARG A 164 -11.51 -4.80 -9.19
C ARG A 164 -11.14 -3.34 -9.48
N MET A 165 -9.96 -3.05 -10.03
CA MET A 165 -9.59 -1.65 -10.36
C MET A 165 -10.52 -1.11 -11.44
N VAL A 166 -10.88 -1.94 -12.41
CA VAL A 166 -11.78 -1.51 -13.52
C VAL A 166 -13.15 -1.17 -12.94
N ARG A 167 -13.68 -2.02 -12.07
CA ARG A 167 -14.98 -1.76 -11.41
C ARG A 167 -14.86 -0.43 -10.64
N VAL A 168 -13.75 -0.19 -9.96
CA VAL A 168 -13.52 1.06 -9.17
C VAL A 168 -13.50 2.26 -10.13
N LEU A 169 -12.71 2.20 -11.21
CA LEU A 169 -12.64 3.28 -12.25
C LEU A 169 -14.03 3.70 -12.70
N LYS A 170 -14.85 2.73 -13.06
CA LYS A 170 -16.20 3.00 -13.59
C LYS A 170 -17.14 3.54 -12.49
N THR A 171 -17.31 2.80 -11.41
CA THR A 171 -18.43 2.98 -10.45
C THR A 171 -18.14 4.19 -9.53
N LEU A 172 -16.87 4.54 -9.32
CA LEU A 172 -16.51 5.70 -8.47
C LEU A 172 -16.34 6.96 -9.32
N ASP A 173 -16.50 6.90 -10.64
CA ASP A 173 -16.36 8.09 -11.53
C ASP A 173 -14.95 8.65 -11.34
N VAL A 174 -13.95 7.78 -11.34
CA VAL A 174 -12.53 8.18 -11.13
C VAL A 174 -12.16 9.20 -12.22
N THR A 175 -11.48 10.27 -11.83
CA THR A 175 -11.11 11.39 -12.73
C THR A 175 -9.63 11.33 -13.09
N LEU A 176 -8.79 10.77 -12.22
CA LEU A 176 -7.33 10.74 -12.38
C LEU A 176 -6.82 9.37 -11.99
N THR A 177 -5.78 8.89 -12.69
CA THR A 177 -5.05 7.65 -12.37
C THR A 177 -3.56 7.97 -12.27
N TRP A 178 -2.87 7.15 -11.52
CA TRP A 178 -1.39 7.12 -11.43
C TRP A 178 -1.00 5.65 -11.52
N CYS A 179 -0.26 5.32 -12.58
CA CYS A 179 0.27 3.95 -12.83
C CYS A 179 1.25 4.06 -13.99
N ASN A 180 2.11 3.05 -14.13
CA ASN A 180 3.11 2.96 -15.21
C ASN A 180 2.36 2.80 -16.54
N PRO A 181 3.02 3.10 -17.69
CA PRO A 181 2.37 3.04 -18.99
C PRO A 181 1.87 1.64 -19.36
N THR A 182 2.57 0.60 -18.95
CA THR A 182 2.12 -0.81 -19.18
C THR A 182 0.80 -1.02 -18.42
N GLU A 183 0.70 -0.55 -17.19
CA GLU A 183 -0.55 -0.70 -16.40
C GLU A 183 -1.70 0.03 -17.10
N ILE A 184 -1.43 1.13 -17.81
CA ILE A 184 -2.51 1.83 -18.56
C ILE A 184 -3.11 0.89 -19.61
N THR A 185 -2.30 0.08 -20.27
CA THR A 185 -2.79 -0.85 -21.31
C THR A 185 -3.40 -2.07 -20.64
N MET A 186 -2.83 -2.52 -19.52
CA MET A 186 -3.41 -3.65 -18.73
C MET A 186 -4.83 -3.26 -18.32
N LEU A 187 -5.06 -2.04 -17.83
CA LEU A 187 -6.40 -1.58 -17.37
C LEU A 187 -7.33 -1.52 -18.58
N ALA A 188 -6.83 -1.09 -19.76
CA ALA A 188 -7.66 -1.03 -20.98
C ALA A 188 -8.10 -2.45 -21.40
N ALA A 189 -7.20 -3.42 -21.36
CA ALA A 189 -7.53 -4.83 -21.69
C ALA A 189 -8.51 -5.38 -20.63
N ALA A 190 -8.29 -5.08 -19.35
CA ALA A 190 -9.16 -5.55 -18.25
C ALA A 190 -10.56 -4.93 -18.38
N ALA A 191 -10.64 -3.65 -18.78
CA ALA A 191 -11.93 -2.94 -18.99
C ALA A 191 -12.75 -3.68 -20.04
N LYS A 192 -12.17 -4.02 -21.18
CA LYS A 192 -12.91 -4.75 -22.26
C LYS A 192 -13.38 -6.11 -21.73
N ALA A 193 -12.53 -6.83 -21.02
CA ALA A 193 -12.90 -8.13 -20.42
C ALA A 193 -14.03 -7.98 -19.39
N ALA A 194 -14.20 -6.80 -18.79
CA ALA A 194 -15.32 -6.51 -17.84
C ALA A 194 -16.53 -5.96 -18.61
N GLY A 195 -16.47 -5.86 -19.93
CA GLY A 195 -17.62 -5.40 -20.74
C GLY A 195 -17.70 -3.88 -20.83
N LEU A 196 -16.57 -3.18 -20.64
CA LEU A 196 -16.50 -1.69 -20.69
C LEU A 196 -15.53 -1.25 -21.79
N ARG A 197 -15.90 -0.24 -22.56
CA ARG A 197 -15.07 0.32 -23.66
C ARG A 197 -14.24 1.47 -23.12
N PRO A 198 -12.91 1.32 -23.03
CA PRO A 198 -12.06 2.36 -22.45
C PRO A 198 -12.24 3.70 -23.16
N ASP A 199 -12.62 3.69 -24.43
CA ASP A 199 -12.68 4.96 -25.22
C ASP A 199 -14.03 5.67 -25.05
N GLN A 200 -15.02 5.09 -24.36
CA GLN A 200 -16.37 5.72 -24.27
C GLN A 200 -16.99 5.59 -22.87
N ASP A 201 -16.70 4.53 -22.11
CA ASP A 201 -17.50 4.14 -20.91
C ASP A 201 -16.94 4.75 -19.62
N PHE A 202 -15.90 5.58 -19.67
CA PHE A 202 -15.32 6.26 -18.48
C PHE A 202 -15.35 7.78 -18.72
N PRO A 203 -16.56 8.38 -18.84
CA PRO A 203 -16.70 9.79 -19.18
C PRO A 203 -16.12 10.76 -18.14
N HIS A 204 -15.93 10.35 -16.89
CA HIS A 204 -15.39 11.21 -15.81
C HIS A 204 -13.86 11.16 -15.80
N LEU A 205 -13.25 10.19 -16.49
CA LEU A 205 -11.77 10.07 -16.47
C LEU A 205 -11.20 11.21 -17.32
N ARG A 206 -10.40 12.10 -16.73
CA ARG A 206 -9.97 13.34 -17.45
C ARG A 206 -8.46 13.31 -17.68
N ALA A 207 -7.68 12.57 -16.92
CA ALA A 207 -6.21 12.52 -17.13
C ALA A 207 -5.63 11.27 -16.49
N MET A 208 -4.53 10.79 -17.09
CA MET A 208 -3.78 9.62 -16.60
C MET A 208 -2.33 10.03 -16.42
N PHE A 209 -1.87 9.98 -15.17
CA PHE A 209 -0.48 10.33 -14.77
C PHE A 209 0.35 9.05 -14.85
N THR A 210 1.54 9.14 -15.41
CA THR A 210 2.37 7.94 -15.64
C THR A 210 3.84 8.32 -15.54
N ALA A 211 4.67 7.31 -15.31
CA ALA A 211 6.15 7.40 -15.18
C ALA A 211 6.69 5.97 -15.11
N ALA A 212 8.01 5.82 -14.98
CA ALA A 212 8.73 4.61 -14.51
C ALA A 212 9.16 3.72 -15.70
N GLU A 213 8.74 4.07 -16.93
CA GLU A 213 9.19 3.42 -18.18
C GLU A 213 9.58 4.51 -19.14
N PRO A 214 10.66 4.31 -19.94
CA PRO A 214 10.92 5.15 -21.10
C PRO A 214 9.65 5.16 -21.98
N LEU A 215 9.14 6.33 -22.31
CA LEU A 215 7.83 6.45 -23.00
C LEU A 215 7.95 7.34 -24.22
N THR A 216 7.85 6.76 -25.42
CA THR A 216 7.89 7.49 -26.71
C THR A 216 6.60 8.29 -26.85
N GLU A 217 6.65 9.35 -27.64
CA GLU A 217 5.45 10.17 -27.94
C GLU A 217 4.43 9.31 -28.69
N VAL A 218 4.90 8.44 -29.59
CA VAL A 218 4.00 7.55 -30.36
C VAL A 218 3.20 6.65 -29.38
N ARG A 219 3.86 6.03 -28.41
CA ARG A 219 3.15 5.16 -27.42
C ARG A 219 2.25 6.02 -26.53
N ARG A 220 2.74 7.17 -26.05
CA ARG A 220 1.95 8.04 -25.15
C ARG A 220 0.64 8.45 -25.83
N ARG A 221 0.72 8.90 -27.09
CA ARG A 221 -0.45 9.27 -27.92
C ARG A 221 -1.42 8.09 -28.06
N ARG A 222 -0.91 6.89 -28.31
CA ARG A 222 -1.79 5.69 -28.44
C ARG A 222 -2.52 5.44 -27.10
N LEU A 223 -1.82 5.54 -25.96
CA LEU A 223 -2.44 5.30 -24.62
C LEU A 223 -3.59 6.29 -24.42
N SER A 224 -3.38 7.55 -24.81
CA SER A 224 -4.44 8.58 -24.80
C SER A 224 -5.64 8.13 -25.66
N GLU A 225 -5.38 7.69 -26.91
CA GLU A 225 -6.43 7.31 -27.88
C GLU A 225 -7.22 6.10 -27.33
N ILE A 226 -6.53 5.11 -26.75
CA ILE A 226 -7.20 3.92 -26.17
C ILE A 226 -8.25 4.40 -25.17
N TRP A 227 -7.89 5.39 -24.34
CA TRP A 227 -8.76 5.91 -23.23
C TRP A 227 -9.57 7.13 -23.66
N GLY A 228 -9.90 7.25 -24.95
CA GLY A 228 -10.86 8.25 -25.47
C GLY A 228 -10.23 9.62 -25.72
N GLY A 229 -8.90 9.71 -25.84
CA GLY A 229 -8.18 10.91 -26.26
C GLY A 229 -7.90 11.86 -25.11
N ILE A 230 -7.97 11.39 -23.87
CA ILE A 230 -7.66 12.21 -22.67
C ILE A 230 -6.16 12.32 -22.52
N PRO A 231 -5.66 13.36 -21.84
CA PRO A 231 -4.22 13.53 -21.63
C PRO A 231 -3.60 12.39 -20.81
N VAL A 232 -2.46 11.93 -21.30
CA VAL A 232 -1.54 11.05 -20.56
C VAL A 232 -0.35 11.94 -20.21
N VAL A 233 -0.19 12.18 -18.92
CA VAL A 233 0.76 13.16 -18.34
C VAL A 233 1.93 12.37 -17.76
N GLU A 234 3.06 12.45 -18.43
CA GLU A 234 4.31 11.79 -18.03
C GLU A 234 5.02 12.64 -16.98
N GLU A 235 5.60 11.99 -15.98
CA GLU A 235 6.66 12.62 -15.18
C GLU A 235 7.90 11.72 -15.15
N TYR A 236 8.99 12.30 -14.67
CA TYR A 236 10.32 11.64 -14.52
C TYR A 236 10.77 11.80 -13.08
N GLY A 237 11.20 10.70 -12.53
CA GLY A 237 11.59 10.56 -11.11
C GLY A 237 12.31 9.25 -10.89
N SER A 238 12.50 8.92 -9.63
CA SER A 238 13.17 7.68 -9.18
C SER A 238 12.66 7.40 -7.77
N THR A 239 12.75 6.15 -7.36
CA THR A 239 12.33 5.67 -6.02
C THR A 239 13.09 6.44 -4.93
N GLU A 240 14.29 6.98 -5.22
CA GLU A 240 15.16 7.68 -4.24
C GLU A 240 14.93 9.20 -4.19
N THR A 241 14.32 9.82 -5.22
CA THR A 241 14.21 11.30 -5.36
C THR A 241 12.76 11.79 -5.38
N GLY A 242 11.81 10.93 -5.71
CA GLY A 242 10.48 11.38 -6.16
C GLY A 242 10.57 12.06 -7.51
N THR A 243 9.53 12.81 -7.86
CA THR A 243 9.33 13.51 -9.15
C THR A 243 10.37 14.60 -9.26
N ILE A 244 11.19 14.58 -10.32
CA ILE A 244 12.17 15.66 -10.58
C ILE A 244 11.81 16.41 -11.86
N ALA A 245 10.85 15.95 -12.66
CA ALA A 245 10.38 16.64 -13.88
C ALA A 245 8.93 16.26 -14.16
N GLY A 246 8.17 17.19 -14.73
CA GLY A 246 6.75 16.98 -15.10
C GLY A 246 6.49 17.54 -16.49
N GLN A 247 5.52 16.95 -17.17
CA GLN A 247 5.10 17.34 -18.54
C GLN A 247 4.42 18.72 -18.47
N CYS A 248 4.62 19.56 -19.49
CA CYS A 248 3.84 20.80 -19.71
C CYS A 248 2.71 20.50 -20.72
N PRO A 249 1.75 21.44 -20.94
CA PRO A 249 0.68 21.18 -21.93
C PRO A 249 1.20 20.98 -23.36
N GLU A 250 2.46 21.31 -23.66
CA GLU A 250 3.08 21.13 -25.01
C GLU A 250 3.63 19.70 -25.17
N GLY A 251 3.74 18.93 -24.09
CA GLY A 251 4.23 17.53 -24.12
C GLY A 251 5.73 17.39 -23.89
N ARG A 252 6.44 18.44 -23.46
CA ARG A 252 7.84 18.33 -22.91
C ARG A 252 7.82 18.13 -21.39
N MET A 253 8.76 17.35 -20.86
CA MET A 253 9.03 17.23 -19.42
C MET A 253 10.00 18.34 -19.04
N HIS A 254 9.64 19.16 -18.04
CA HIS A 254 10.48 20.26 -17.52
C HIS A 254 11.05 19.84 -16.16
N LEU A 255 12.34 20.09 -15.95
CA LEU A 255 13.04 19.76 -14.68
C LEU A 255 12.56 20.70 -13.58
N TRP A 256 12.30 20.21 -12.37
CA TRP A 256 11.86 21.10 -11.26
C TRP A 256 13.09 21.73 -10.62
N ALA A 257 13.78 22.58 -11.38
CA ALA A 257 15.12 23.11 -11.05
C ALA A 257 15.04 24.13 -9.90
N ASP A 258 13.84 24.62 -9.57
CA ASP A 258 13.67 25.51 -8.38
C ASP A 258 13.86 24.65 -7.11
N ARG A 259 13.67 23.32 -7.18
CA ARG A 259 13.74 22.43 -5.98
C ARG A 259 15.03 21.60 -5.98
N ALA A 260 15.87 21.69 -7.02
CA ALA A 260 17.05 20.81 -7.16
C ALA A 260 17.94 21.33 -8.28
N ILE A 261 19.25 21.19 -8.13
CA ILE A 261 20.23 21.54 -9.20
C ILE A 261 20.42 20.30 -10.09
N PHE A 262 20.12 20.46 -11.38
CA PHE A 262 20.20 19.41 -12.41
C PHE A 262 21.42 19.66 -13.29
N GLU A 263 22.21 18.61 -13.45
CA GLU A 263 23.49 18.63 -14.21
C GLU A 263 23.60 17.33 -15.01
N VAL A 264 24.41 17.35 -16.07
CA VAL A 264 24.56 16.22 -17.01
C VAL A 264 26.02 15.75 -16.93
N TYR A 265 26.20 14.46 -16.62
CA TYR A 265 27.51 13.82 -16.33
C TYR A 265 27.97 13.07 -17.58
N ASP A 266 29.14 13.43 -18.09
CA ASP A 266 29.87 12.67 -19.16
C ASP A 266 30.74 11.64 -18.45
N PRO A 267 30.41 10.34 -18.53
CA PRO A 267 31.06 9.32 -17.71
C PRO A 267 32.52 9.07 -18.15
N ARG A 268 32.82 9.34 -19.43
CA ARG A 268 34.17 9.23 -20.02
C ARG A 268 35.13 10.20 -19.30
N THR A 269 34.75 11.47 -19.23
CA THR A 269 35.59 12.58 -18.72
C THR A 269 35.27 12.86 -17.25
N GLY A 270 34.07 12.55 -16.79
CA GLY A 270 33.56 12.97 -15.47
C GLY A 270 33.40 14.48 -15.39
N THR A 271 33.05 15.13 -16.51
CA THR A 271 32.68 16.56 -16.63
C THR A 271 31.19 16.73 -16.34
N LEU A 272 30.81 17.77 -15.60
CA LEU A 272 29.40 18.12 -15.29
C LEU A 272 29.02 19.41 -16.01
N SER A 273 27.84 19.45 -16.60
CA SER A 273 27.39 20.51 -17.54
C SER A 273 25.90 20.82 -17.26
N GLU A 274 25.49 22.08 -17.43
CA GLU A 274 24.11 22.54 -17.13
C GLU A 274 23.15 21.93 -18.15
N ALA A 275 23.63 21.55 -19.34
CA ALA A 275 22.76 21.04 -20.42
C ALA A 275 23.56 20.17 -21.40
N GLY A 276 22.84 19.41 -22.23
CA GLY A 276 23.41 18.51 -23.26
C GLY A 276 23.10 17.06 -22.97
N ARG A 277 23.93 16.15 -23.53
CA ARG A 277 23.78 14.68 -23.48
C ARG A 277 24.64 14.12 -22.35
N GLY A 278 24.14 13.07 -21.66
CA GLY A 278 24.87 12.39 -20.57
C GLY A 278 23.94 11.91 -19.46
N GLN A 279 24.50 11.68 -18.27
CA GLN A 279 23.80 11.00 -17.15
C GLN A 279 23.18 12.05 -16.21
N MET A 280 21.90 11.88 -15.88
CA MET A 280 21.11 12.82 -15.06
C MET A 280 21.71 12.87 -13.65
N VAL A 281 22.23 14.03 -13.27
CA VAL A 281 22.75 14.27 -11.90
C VAL A 281 21.81 15.27 -11.19
N VAL A 282 21.45 14.97 -9.94
CA VAL A 282 20.47 15.75 -9.14
C VAL A 282 21.07 16.09 -7.78
N THR A 283 20.99 17.36 -7.40
CA THR A 283 21.22 17.83 -6.00
C THR A 283 19.94 18.45 -5.47
N PRO A 284 19.09 17.67 -4.75
CA PRO A 284 17.87 18.22 -4.16
C PRO A 284 18.19 19.32 -3.14
N LEU A 285 17.39 20.40 -3.13
CA LEU A 285 17.65 21.57 -2.25
C LEU A 285 16.81 21.50 -0.96
N TYR A 286 15.72 20.74 -0.92
CA TYR A 286 14.79 20.74 0.25
C TYR A 286 14.63 19.33 0.79
N ARG A 287 15.71 18.78 1.36
CA ARG A 287 15.82 17.34 1.68
C ARG A 287 16.84 17.16 2.81
N ASP A 288 16.35 17.07 4.04
CA ASP A 288 17.12 17.24 5.29
C ASP A 288 17.55 15.89 5.85
N ALA A 289 16.68 14.86 5.80
CA ALA A 289 17.01 13.55 6.40
C ALA A 289 18.15 12.88 5.61
N MET A 290 18.11 12.94 4.29
CA MET A 290 19.03 12.16 3.44
C MET A 290 19.61 13.06 2.35
N PRO A 291 20.49 14.01 2.72
CA PRO A 291 21.08 14.91 1.75
C PRO A 291 21.79 14.13 0.64
N LEU A 292 21.58 14.55 -0.61
CA LEU A 292 22.29 14.02 -1.80
C LEU A 292 23.03 15.17 -2.50
N LEU A 293 24.35 15.02 -2.64
CA LEU A 293 25.21 15.94 -3.45
C LEU A 293 25.51 15.27 -4.81
N ARG A 294 24.99 15.86 -5.89
CA ARG A 294 25.22 15.44 -7.31
C ARG A 294 25.04 13.91 -7.37
N TYR A 295 23.84 13.46 -7.00
CA TYR A 295 23.42 12.05 -7.06
C TYR A 295 23.19 11.69 -8.54
N ASN A 296 23.96 10.71 -9.03
CA ASN A 296 23.90 10.27 -10.44
C ASN A 296 22.83 9.19 -10.55
N LEU A 297 21.66 9.55 -11.07
CA LEU A 297 20.55 8.61 -11.36
C LEU A 297 20.96 7.57 -12.41
N ALA A 298 22.03 7.83 -13.16
CA ALA A 298 22.59 6.92 -14.19
C ALA A 298 21.59 6.74 -15.34
N ASP A 299 20.62 7.64 -15.50
CA ASP A 299 19.72 7.63 -16.68
C ASP A 299 20.42 8.43 -17.77
N ASP A 300 20.36 7.96 -19.00
CA ASP A 300 20.94 8.65 -20.19
C ASP A 300 19.89 9.69 -20.62
N VAL A 301 20.24 10.99 -20.61
CA VAL A 301 19.25 12.09 -20.83
C VAL A 301 19.85 13.14 -21.76
N GLU A 302 18.97 13.90 -22.43
CA GLU A 302 19.31 15.17 -23.14
C GLU A 302 18.53 16.31 -22.48
N VAL A 303 19.27 17.30 -21.98
CA VAL A 303 18.72 18.51 -21.28
C VAL A 303 18.86 19.68 -22.24
N SER A 304 17.77 20.40 -22.51
CA SER A 304 17.76 21.64 -23.34
C SER A 304 17.26 22.82 -22.50
N THR A 305 18.00 23.93 -22.58
CA THR A 305 17.66 25.25 -21.97
C THR A 305 16.79 26.07 -22.95
N ASP A 306 16.44 25.50 -24.12
CA ASP A 306 15.63 26.19 -25.15
C ASP A 306 14.28 26.57 -24.55
N PRO A 307 13.76 27.78 -24.79
CA PRO A 307 12.44 28.15 -24.28
C PRO A 307 11.38 27.21 -24.88
N CYS A 308 10.36 26.91 -24.06
CA CYS A 308 9.17 26.14 -24.49
C CYS A 308 7.96 27.13 -24.59
N GLY A 309 7.08 26.79 -25.59
CA GLY A 309 5.78 27.46 -25.81
C GLY A 309 4.91 27.54 -24.56
N CYS A 310 5.05 26.61 -23.60
CA CYS A 310 4.24 26.55 -22.35
C CYS A 310 4.46 27.79 -21.47
N GLY A 311 5.64 28.42 -21.54
CA GLY A 311 5.95 29.66 -20.80
C GLY A 311 6.56 29.40 -19.43
N TRP A 312 6.65 28.14 -18.98
CA TRP A 312 7.45 27.80 -17.78
C TRP A 312 8.92 28.09 -18.09
N LEU A 313 9.61 28.83 -17.21
CA LEU A 313 11.04 29.16 -17.40
C LEU A 313 11.87 28.06 -16.71
N LEU A 314 11.82 26.86 -17.30
CA LEU A 314 12.56 25.65 -16.82
C LEU A 314 13.08 24.83 -18.02
N PRO A 315 14.31 24.24 -17.86
CA PRO A 315 14.88 23.35 -18.87
C PRO A 315 14.00 22.12 -19.06
N THR A 316 14.04 21.57 -20.29
CA THR A 316 13.34 20.34 -20.68
C THR A 316 14.33 19.18 -20.63
N VAL A 317 13.82 17.96 -20.55
CA VAL A 317 14.66 16.74 -20.51
C VAL A 317 13.97 15.64 -21.33
N THR A 318 14.75 14.96 -22.18
CA THR A 318 14.37 13.67 -22.82
C THR A 318 15.15 12.54 -22.13
N VAL A 319 14.44 11.47 -21.77
CA VAL A 319 14.93 10.30 -21.00
C VAL A 319 15.02 9.11 -21.96
N LEU A 320 16.22 8.55 -22.14
CA LEU A 320 16.47 7.33 -22.98
C LEU A 320 16.44 6.05 -22.11
N GLY A 321 17.57 5.42 -21.79
CA GLY A 321 17.57 4.21 -20.94
C GLY A 321 18.78 3.33 -21.20
N THR A 325 21.65 2.61 -24.49
CA THR A 325 21.90 1.18 -24.12
C THR A 325 20.90 0.30 -24.89
N GLY A 326 21.34 -0.17 -26.06
CA GLY A 326 20.61 -1.12 -26.93
C GLY A 326 21.58 -2.07 -27.63
N HIS A 327 21.07 -2.89 -28.55
CA HIS A 327 21.72 -4.15 -29.04
C HIS A 327 22.04 -4.08 -30.52
N ARG A 328 23.17 -4.65 -30.93
CA ARG A 328 23.62 -4.74 -32.34
C ARG A 328 23.04 -6.03 -32.95
N ILE A 329 22.42 -5.90 -34.12
CA ILE A 329 21.78 -7.02 -34.88
C ILE A 329 22.20 -6.87 -36.33
N GLY A 330 23.27 -7.57 -36.72
CA GLY A 330 24.03 -7.33 -37.95
C GLY A 330 24.44 -5.87 -38.05
N PRO A 331 24.06 -5.15 -39.13
CA PRO A 331 24.53 -3.79 -39.37
C PRO A 331 23.97 -2.77 -38.36
N ALA A 332 22.75 -2.99 -37.85
CA ALA A 332 21.94 -1.96 -37.17
C ALA A 332 22.04 -2.09 -35.65
N THR A 333 21.89 -0.95 -34.97
CA THR A 333 21.69 -0.81 -33.51
C THR A 333 20.19 -0.59 -33.27
N VAL A 334 19.54 -1.50 -32.53
CA VAL A 334 18.09 -1.40 -32.19
C VAL A 334 17.96 -1.08 -30.71
N THR A 335 17.22 -0.02 -30.41
CA THR A 335 16.80 0.36 -29.03
C THR A 335 15.35 -0.06 -28.83
N GLN A 336 14.95 -0.25 -27.57
CA GLN A 336 13.55 -0.47 -27.18
C GLN A 336 12.69 0.68 -27.73
N GLN A 337 13.16 1.92 -27.56
CA GLN A 337 12.39 3.15 -27.91
C GLN A 337 12.10 3.13 -29.42
N ARG A 338 13.09 2.79 -30.22
CA ARG A 338 12.92 2.75 -31.70
C ARG A 338 11.86 1.68 -32.05
N LEU A 339 11.97 0.48 -31.48
CA LEU A 339 11.01 -0.63 -31.75
C LEU A 339 9.61 -0.19 -31.32
N GLU A 340 9.51 0.43 -30.15
CA GLU A 340 8.23 0.84 -29.55
C GLU A 340 7.50 1.81 -30.51
N GLU A 341 8.24 2.74 -31.13
CA GLU A 341 7.68 3.69 -32.11
C GLU A 341 7.05 2.94 -33.29
N LEU A 342 7.71 1.88 -33.74
CA LEU A 342 7.23 1.06 -34.87
C LEU A 342 6.00 0.25 -34.44
N VAL A 343 6.03 -0.38 -33.25
CA VAL A 343 4.88 -1.19 -32.78
C VAL A 343 3.63 -0.30 -32.67
N PHE A 344 3.78 0.89 -32.05
CA PHE A 344 2.64 1.76 -31.71
C PHE A 344 2.28 2.67 -32.90
N SER A 345 2.95 2.53 -34.04
CA SER A 345 2.54 3.18 -35.32
C SER A 345 1.56 2.29 -36.10
N LEU A 346 1.41 1.01 -35.73
CA LEU A 346 0.27 0.18 -36.27
C LEU A 346 -1.04 0.89 -35.93
N PRO A 347 -2.06 0.86 -36.81
CA PRO A 347 -3.35 1.48 -36.51
C PRO A 347 -3.94 0.97 -35.20
N ALA A 348 -4.55 1.84 -34.40
CA ALA A 348 -5.23 1.54 -33.11
C ALA A 348 -6.24 0.37 -33.26
N ALA A 349 -6.93 0.28 -34.39
CA ALA A 349 -8.00 -0.72 -34.62
C ALA A 349 -7.39 -2.13 -34.61
N TYR A 350 -6.10 -2.29 -34.87
CA TYR A 350 -5.40 -3.61 -34.79
C TYR A 350 -5.23 -4.08 -33.34
N GLU A 351 -5.32 -3.16 -32.37
CA GLU A 351 -5.23 -3.38 -30.91
C GLU A 351 -3.96 -4.12 -30.53
N VAL A 352 -2.86 -3.74 -31.15
CA VAL A 352 -1.51 -4.22 -30.73
C VAL A 352 -1.01 -3.35 -29.58
N MET A 353 -0.98 -3.93 -28.39
CA MET A 353 -0.57 -3.27 -27.13
C MET A 353 0.53 -4.10 -26.45
N PHE A 354 0.46 -5.42 -26.58
CA PHE A 354 1.37 -6.31 -25.82
C PHE A 354 2.29 -6.99 -26.81
N TRP A 355 3.58 -6.88 -26.54
CA TRP A 355 4.66 -7.32 -27.45
C TRP A 355 5.93 -7.54 -26.64
N ARG A 356 6.86 -8.23 -27.25
CA ARG A 356 8.19 -8.44 -26.65
C ARG A 356 9.11 -8.79 -27.80
N ALA A 357 10.40 -8.59 -27.59
CA ALA A 357 11.42 -8.78 -28.62
C ALA A 357 12.73 -9.22 -27.95
N LYS A 358 13.49 -10.03 -28.68
CA LYS A 358 14.84 -10.47 -28.25
C LYS A 358 15.82 -10.12 -29.37
N ALA A 359 16.90 -9.41 -29.01
CA ALA A 359 18.09 -9.16 -29.86
C ALA A 359 18.98 -10.41 -29.87
N HIS A 360 19.00 -11.14 -30.98
CA HIS A 360 20.05 -12.15 -31.28
C HIS A 360 21.13 -11.42 -32.09
N PRO A 361 22.37 -11.96 -32.15
CA PRO A 361 23.42 -11.35 -32.95
C PRO A 361 23.08 -11.09 -34.50
N ASP A 362 22.18 -11.98 -35.01
CA ASP A 362 21.84 -12.05 -36.46
C ASP A 362 20.39 -11.59 -36.75
N VAL A 363 19.48 -11.58 -35.77
CA VAL A 363 18.03 -11.45 -36.07
C VAL A 363 17.30 -10.83 -34.86
N LEU A 364 16.30 -9.99 -35.13
CA LEU A 364 15.34 -9.50 -34.11
C LEU A 364 14.12 -10.43 -34.12
N GLU A 365 13.94 -11.15 -32.96
CA GLU A 365 12.73 -11.98 -32.72
C GLU A 365 11.72 -11.08 -32.04
N LEU A 366 10.50 -10.96 -32.58
CA LEU A 366 9.44 -10.09 -32.03
C LEU A 366 8.09 -10.81 -32.09
N GLU A 367 7.37 -10.77 -30.99
CA GLU A 367 6.02 -11.37 -30.85
C GLU A 367 5.09 -10.28 -30.33
N PHE A 368 3.83 -10.32 -30.75
CA PHE A 368 2.79 -9.42 -30.23
C PHE A 368 1.43 -10.10 -30.35
N GLU A 369 0.49 -9.67 -29.51
CA GLU A 369 -0.92 -10.13 -29.56
C GLU A 369 -1.72 -9.25 -30.50
N ALA A 370 -2.54 -9.88 -31.33
CA ALA A 370 -3.52 -9.20 -32.18
C ALA A 370 -4.63 -10.17 -32.53
N PRO A 371 -5.90 -9.71 -32.61
CA PRO A 371 -7.02 -10.52 -33.10
C PRO A 371 -6.74 -11.17 -34.46
N GLU A 372 -7.26 -12.37 -34.68
CA GLU A 372 -6.93 -13.21 -35.88
C GLU A 372 -7.23 -12.44 -37.18
N PRO A 373 -8.37 -11.72 -37.33
CA PRO A 373 -8.66 -11.05 -38.60
C PRO A 373 -7.58 -10.03 -39.05
N VAL A 374 -6.90 -9.37 -38.11
CA VAL A 374 -5.89 -8.30 -38.41
C VAL A 374 -4.45 -8.84 -38.35
N ARG A 375 -4.24 -10.05 -37.80
CA ARG A 375 -2.90 -10.58 -37.40
C ARG A 375 -1.91 -10.52 -38.58
N GLN A 376 -2.27 -11.09 -39.73
CA GLN A 376 -1.34 -11.23 -40.89
C GLN A 376 -0.94 -9.82 -41.41
N ARG A 377 -1.90 -8.88 -41.41
CA ARG A 377 -1.63 -7.49 -41.86
C ARG A 377 -0.66 -6.80 -40.90
N ALA A 378 -0.83 -7.06 -39.60
CA ALA A 378 -0.06 -6.42 -38.51
C ALA A 378 1.42 -6.89 -38.62
N VAL A 379 1.60 -8.20 -38.89
CA VAL A 379 2.93 -8.84 -39.06
C VAL A 379 3.62 -8.20 -40.30
N LYS A 380 2.86 -8.09 -41.40
CA LYS A 380 3.40 -7.59 -42.70
C LYS A 380 3.78 -6.10 -42.55
N GLU A 381 2.87 -5.29 -42.00
CA GLU A 381 3.07 -3.82 -41.87
C GLU A 381 4.26 -3.54 -40.95
N LEU A 382 4.30 -4.30 -39.83
CA LEU A 382 5.37 -4.11 -38.80
C LEU A 382 6.71 -4.55 -39.41
N GLY A 383 6.69 -5.65 -40.21
CA GLY A 383 7.90 -6.14 -40.92
C GLY A 383 8.49 -5.03 -41.87
N ALA A 384 7.53 -4.37 -42.60
CA ALA A 384 7.89 -3.36 -43.63
C ALA A 384 8.43 -2.11 -42.91
N ALA A 385 7.87 -1.79 -41.74
CA ALA A 385 8.32 -0.65 -40.91
C ALA A 385 9.81 -0.88 -40.48
N LEU A 386 10.06 -2.10 -39.94
CA LEU A 386 11.42 -2.57 -39.53
C LEU A 386 12.37 -2.50 -40.73
N ASP A 387 11.97 -3.03 -41.89
CA ASP A 387 12.77 -2.98 -43.14
C ASP A 387 13.12 -1.52 -43.46
N ARG A 388 12.10 -0.66 -43.44
CA ARG A 388 12.16 0.76 -43.88
C ARG A 388 12.98 1.60 -42.89
N GLU A 389 12.90 1.31 -41.58
CA GLU A 389 13.43 2.21 -40.51
C GLU A 389 14.76 1.70 -39.93
N LEU A 390 14.93 0.39 -39.79
CA LEU A 390 16.13 -0.23 -39.15
C LEU A 390 16.93 -1.11 -40.11
N GLY A 391 16.27 -1.79 -41.05
CA GLY A 391 16.91 -2.70 -42.03
C GLY A 391 17.52 -3.92 -41.37
N VAL A 392 17.00 -4.34 -40.22
CA VAL A 392 17.48 -5.54 -39.47
C VAL A 392 16.72 -6.76 -39.97
N PRO A 393 17.34 -7.95 -40.00
CA PRO A 393 16.61 -9.20 -40.21
C PRO A 393 15.71 -9.39 -38.99
N HIS A 394 14.50 -9.92 -39.21
CA HIS A 394 13.45 -10.06 -38.17
C HIS A 394 12.70 -11.37 -38.35
N ARG A 395 12.24 -11.94 -37.23
CA ARG A 395 11.24 -13.04 -37.18
C ARG A 395 10.12 -12.55 -36.27
N ILE A 396 9.07 -12.05 -36.91
CA ILE A 396 7.86 -11.49 -36.27
C ILE A 396 6.79 -12.56 -36.25
N THR A 397 6.17 -12.79 -35.10
CA THR A 397 5.06 -13.74 -34.88
C THR A 397 3.89 -12.98 -34.22
N GLY A 398 2.71 -13.01 -34.84
CA GLY A 398 1.45 -12.60 -34.20
C GLY A 398 0.90 -13.71 -33.33
N LEU A 399 0.36 -13.38 -32.16
CA LEU A 399 -0.17 -14.34 -31.15
C LEU A 399 -1.63 -14.04 -30.85
N ALA A 400 -2.40 -15.04 -30.44
CA ALA A 400 -3.78 -14.89 -29.93
C ALA A 400 -3.75 -14.02 -28.68
N PRO A 401 -4.66 -13.03 -28.55
CA PRO A 401 -4.86 -12.35 -27.29
C PRO A 401 -5.03 -13.42 -26.19
N GLY A 402 -4.45 -13.18 -25.02
CA GLY A 402 -4.44 -14.17 -23.92
C GLY A 402 -3.16 -14.97 -23.89
N THR A 403 -2.27 -14.79 -24.87
CA THR A 403 -0.98 -15.55 -24.94
C THR A 403 0.07 -14.87 -24.06
N LEU A 404 0.28 -13.56 -24.18
CA LEU A 404 1.29 -12.80 -23.39
C LEU A 404 0.66 -12.25 -22.11
N VAL A 405 -0.60 -11.83 -22.22
CA VAL A 405 -1.40 -11.33 -21.07
C VAL A 405 -2.58 -12.27 -20.93
N PRO A 406 -2.52 -13.21 -19.97
CA PRO A 406 -3.55 -14.24 -19.86
C PRO A 406 -4.90 -13.65 -19.44
N ALA A 407 -5.99 -14.26 -19.92
CA ALA A 407 -7.38 -13.91 -19.55
C ALA A 407 -7.50 -13.80 -18.03
N GLU A 408 -6.84 -14.69 -17.27
CA GLU A 408 -6.98 -14.78 -15.79
C GLU A 408 -6.50 -13.48 -15.14
N ALA A 409 -5.40 -12.90 -15.64
CA ALA A 409 -4.83 -11.67 -15.09
C ALA A 409 -5.86 -10.54 -15.28
N LEU A 410 -6.63 -10.60 -16.37
CA LEU A 410 -7.58 -9.51 -16.72
C LEU A 410 -8.92 -9.70 -16.03
N THR A 411 -9.35 -10.93 -15.71
CA THR A 411 -10.74 -11.17 -15.22
C THR A 411 -10.80 -11.73 -13.79
N ALA A 412 -9.75 -12.32 -13.25
CA ALA A 412 -9.82 -13.04 -11.96
C ALA A 412 -10.22 -12.06 -10.85
N GLN A 413 -11.20 -12.44 -10.04
CA GLN A 413 -11.60 -11.75 -8.80
C GLN A 413 -11.00 -12.56 -7.65
N ARG A 414 -10.61 -11.86 -6.59
CA ARG A 414 -9.98 -12.52 -5.42
C ARG A 414 -10.57 -11.88 -4.17
N ASP A 415 -11.36 -12.65 -3.43
CA ASP A 415 -11.80 -12.33 -2.05
C ASP A 415 -10.57 -11.93 -1.22
N ILE A 416 -10.72 -10.94 -0.34
CA ILE A 416 -9.65 -10.55 0.62
C ILE A 416 -9.95 -11.36 1.89
N LEU A 417 -9.37 -12.56 1.99
CA LEU A 417 -9.65 -13.50 3.10
C LEU A 417 -8.68 -13.17 4.25
N LYS A 418 -9.05 -13.61 5.42
CA LYS A 418 -8.19 -13.67 6.61
C LYS A 418 -7.95 -15.16 6.89
N ALA A 419 -6.90 -15.47 7.65
CA ALA A 419 -6.59 -16.83 8.11
C ALA A 419 -7.84 -17.44 8.77
N ARG A 420 -8.09 -18.71 8.53
CA ARG A 420 -9.13 -19.52 9.20
C ARG A 420 -8.53 -20.89 9.50
N TYR A 421 -8.92 -21.48 10.63
CA TYR A 421 -8.28 -22.72 11.13
C TYR A 421 -9.30 -23.88 11.21
N LEU A 422 -10.60 -23.56 11.34
CA LEU A 422 -11.68 -24.58 11.42
C LEU A 422 -12.61 -24.40 10.21
N PHE A 423 -12.80 -25.51 9.45
CA PHE A 423 -13.59 -25.48 8.19
C PHE A 423 -14.72 -26.50 8.30
N ALA A 424 -15.83 -26.25 7.59
CA ALA A 424 -16.90 -27.25 7.39
C ALA A 424 -16.42 -28.26 6.34
N GLU A 425 -17.07 -29.43 6.27
CA GLU A 425 -16.63 -30.59 5.45
C GLU A 425 -16.41 -30.18 3.98
N ASP A 426 -17.25 -29.29 3.46
CA ASP A 426 -17.40 -29.02 2.02
C ASP A 426 -16.57 -27.79 1.63
N GLU A 427 -15.89 -27.14 2.58
CA GLU A 427 -15.10 -25.90 2.34
C GLU A 427 -13.66 -26.27 1.94
N ASP A 428 -13.01 -25.34 1.25
CA ASP A 428 -11.60 -25.43 0.83
C ASP A 428 -10.73 -25.06 2.03
N TRP A 429 -10.10 -26.03 2.71
CA TRP A 429 -9.20 -25.70 3.84
C TRP A 429 -7.78 -25.34 3.36
N ASP A 430 -7.55 -25.29 2.05
CA ASP A 430 -6.25 -24.83 1.50
C ASP A 430 -6.04 -23.33 1.79
N LYS A 431 -7.10 -22.59 2.14
CA LYS A 431 -7.05 -21.15 2.52
C LYS A 431 -6.76 -20.95 4.01
N ALA A 432 -6.37 -21.99 4.75
CA ALA A 432 -6.22 -21.93 6.22
C ALA A 432 -5.13 -20.90 6.59
N VAL A 433 -3.85 -21.23 6.35
CA VAL A 433 -2.71 -20.33 6.74
C VAL A 433 -2.20 -19.56 5.52
N MET A 434 -2.29 -20.12 4.30
CA MET A 434 -1.89 -19.43 3.02
C MET A 434 -3.16 -18.88 2.37
N TYR A 435 -3.64 -17.72 2.87
CA TYR A 435 -5.02 -17.17 2.66
C TYR A 435 -4.96 -15.99 1.68
N PHE A 436 -3.76 -15.56 1.28
CA PHE A 436 -3.58 -14.42 0.34
C PHE A 436 -4.16 -14.78 -1.04
N ALA B 1 -10.77 21.08 28.10
CA ALA B 1 -10.01 20.89 26.83
C ALA B 1 -9.76 22.24 26.13
N MET B 2 -8.57 22.82 26.37
CA MET B 2 -8.11 24.13 25.80
C MET B 2 -7.90 23.98 24.29
N SER B 3 -7.22 22.93 23.84
CA SER B 3 -6.75 22.78 22.43
C SER B 3 -7.61 21.73 21.70
N ARG B 4 -7.85 20.57 22.32
CA ARG B 4 -8.55 19.42 21.70
C ARG B 4 -10.08 19.52 21.90
N SER B 5 -10.86 19.13 20.91
CA SER B 5 -12.34 19.00 21.01
C SER B 5 -12.71 17.60 21.52
N ARG B 6 -12.16 16.58 20.86
CA ARG B 6 -12.55 15.16 21.05
C ARG B 6 -12.06 14.69 22.42
N PRO B 7 -12.84 13.82 23.09
CA PRO B 7 -12.47 13.36 24.42
C PRO B 7 -11.22 12.44 24.42
N GLU B 8 -10.56 12.41 25.57
CA GLU B 8 -9.44 11.51 25.94
C GLU B 8 -9.84 10.72 27.19
N LEU B 9 -9.20 9.57 27.38
CA LEU B 9 -9.22 8.83 28.66
C LEU B 9 -8.94 9.83 29.78
N GLY B 10 -9.86 9.95 30.73
CA GLY B 10 -9.73 10.81 31.92
C GLY B 10 -10.61 12.04 31.86
N ASP B 11 -11.30 12.30 30.74
CA ASP B 11 -12.27 13.42 30.64
C ASP B 11 -13.58 13.07 31.36
N TRP B 12 -13.75 11.81 31.76
CA TRP B 12 -14.92 11.34 32.55
C TRP B 12 -14.40 10.51 33.73
N SER B 13 -15.07 10.58 34.87
CA SER B 13 -14.68 9.89 36.13
C SER B 13 -15.76 8.88 36.57
N SER B 14 -16.87 8.82 35.82
CA SER B 14 -18.00 7.88 36.08
C SER B 14 -18.63 7.43 34.74
N PRO B 15 -19.29 6.23 34.76
CA PRO B 15 -20.14 5.78 33.65
C PRO B 15 -21.26 6.79 33.33
N ALA B 16 -21.78 7.47 34.33
CA ALA B 16 -22.81 8.53 34.16
C ALA B 16 -22.22 9.66 33.27
N GLU B 17 -20.98 10.11 33.53
CA GLU B 17 -20.35 11.25 32.81
C GLU B 17 -20.03 10.81 31.37
N LEU B 18 -19.63 9.55 31.17
CA LEU B 18 -19.35 8.98 29.83
C LEU B 18 -20.61 9.06 28.96
N ALA B 19 -21.78 8.66 29.50
CA ALA B 19 -23.06 8.66 28.78
C ALA B 19 -23.44 10.09 28.36
N GLU B 20 -23.12 11.07 29.20
CA GLU B 20 -23.40 12.50 28.90
C GLU B 20 -22.46 13.01 27.79
N LEU B 21 -21.18 12.63 27.84
CA LEU B 21 -20.21 12.94 26.76
C LEU B 21 -20.73 12.40 25.42
N GLN B 22 -21.41 11.26 25.44
CA GLN B 22 -21.95 10.59 24.22
C GLN B 22 -23.20 11.33 23.75
N ARG B 23 -24.18 11.50 24.64
CA ARG B 23 -25.55 11.95 24.26
C ARG B 23 -25.52 13.44 23.72
N SER B 24 -24.50 14.19 24.24
CA SER B 24 -24.29 15.62 23.87
C SER B 24 -23.92 15.72 22.38
N GLN B 25 -23.38 14.65 21.78
CA GLN B 25 -22.99 14.63 20.35
C GLN B 25 -24.17 14.21 19.45
N LEU B 26 -25.21 13.62 20.01
CA LEU B 26 -26.24 12.93 19.18
C LEU B 26 -27.04 13.90 18.30
N PRO B 27 -27.42 15.12 18.76
CA PRO B 27 -28.04 16.09 17.85
C PRO B 27 -27.22 16.34 16.56
N ARG B 28 -25.93 16.62 16.66
CA ARG B 28 -25.06 16.81 15.46
C ARG B 28 -25.11 15.52 14.62
N VAL B 29 -24.87 14.37 15.23
CA VAL B 29 -24.75 13.04 14.55
C VAL B 29 -26.05 12.74 13.79
N LEU B 30 -27.20 12.95 14.44
CA LEU B 30 -28.55 12.70 13.84
C LEU B 30 -28.85 13.69 12.71
N ALA B 31 -28.46 14.95 12.85
CA ALA B 31 -28.60 15.95 11.76
C ALA B 31 -27.70 15.54 10.58
N GLN B 32 -26.49 15.09 10.85
CA GLN B 32 -25.53 14.71 9.77
C GLN B 32 -26.07 13.46 9.06
N ALA B 33 -26.51 12.44 9.81
CA ALA B 33 -27.04 11.17 9.25
C ALA B 33 -28.14 11.44 8.24
N LEU B 34 -29.02 12.41 8.51
CA LEU B 34 -30.21 12.67 7.64
C LEU B 34 -29.77 13.29 6.29
N ARG B 35 -28.52 13.74 6.18
CA ARG B 35 -27.97 14.38 4.96
C ARG B 35 -27.64 13.29 3.93
N SER B 36 -27.51 12.01 4.34
CA SER B 36 -27.18 10.90 3.43
C SER B 36 -28.45 10.41 2.74
N PRO B 37 -28.37 10.05 1.43
CA PRO B 37 -29.50 9.48 0.73
C PRO B 37 -30.16 8.32 1.49
N PHE B 38 -29.36 7.44 2.09
CA PHE B 38 -29.85 6.22 2.78
C PHE B 38 -30.81 6.63 3.91
N TYR B 39 -30.35 7.49 4.83
CA TYR B 39 -31.15 7.88 6.02
C TYR B 39 -32.31 8.81 5.60
N ALA B 40 -32.11 9.70 4.62
CA ALA B 40 -33.21 10.58 4.14
C ALA B 40 -34.32 9.70 3.53
N ALA B 41 -33.96 8.63 2.80
CA ALA B 41 -34.94 7.65 2.25
C ALA B 41 -35.56 6.82 3.40
N ARG B 42 -34.79 6.42 4.40
CA ARG B 42 -35.29 5.60 5.54
C ARG B 42 -36.42 6.34 6.26
N TYR B 43 -36.25 7.65 6.48
CA TYR B 43 -37.19 8.50 7.27
C TYR B 43 -38.10 9.33 6.36
N ARG B 44 -38.20 8.96 5.07
CA ARG B 44 -39.02 9.63 4.03
C ARG B 44 -40.35 10.15 4.60
N GLY B 45 -41.32 9.27 4.88
CA GLY B 45 -42.73 9.66 5.14
C GLY B 45 -43.02 10.02 6.60
N THR B 46 -41.98 10.16 7.44
CA THR B 46 -42.05 10.21 8.93
C THR B 46 -41.32 11.45 9.45
N THR B 47 -41.33 11.69 10.77
CA THR B 47 -40.50 12.70 11.46
C THR B 47 -39.17 12.03 11.79
N PRO B 48 -38.02 12.62 11.37
CA PRO B 48 -36.71 12.02 11.65
C PRO B 48 -36.29 12.19 13.10
N PRO B 49 -35.45 11.29 13.66
CA PRO B 49 -34.87 11.52 14.98
C PRO B 49 -33.90 12.71 14.95
N ARG B 50 -33.97 13.57 15.98
CA ARG B 50 -33.20 14.83 16.12
C ARG B 50 -32.48 14.92 17.47
N THR B 51 -33.04 14.32 18.53
CA THR B 51 -32.61 14.49 19.94
C THR B 51 -31.96 13.20 20.43
N ALA B 52 -31.15 13.30 21.50
CA ALA B 52 -30.55 12.15 22.21
C ALA B 52 -31.64 11.15 22.61
N ASP B 53 -32.82 11.62 23.02
CA ASP B 53 -33.94 10.76 23.48
C ASP B 53 -34.52 9.95 22.29
N ASP B 54 -34.63 10.58 21.11
CA ASP B 54 -35.09 9.98 19.83
C ASP B 54 -34.19 8.80 19.44
N PHE B 55 -32.93 8.81 19.85
CA PHE B 55 -31.92 7.78 19.48
C PHE B 55 -32.41 6.39 19.91
N ALA B 56 -33.06 6.27 21.07
CA ALA B 56 -33.56 5.00 21.65
C ALA B 56 -34.34 4.15 20.59
N GLY B 57 -35.12 4.91 19.74
CA GLY B 57 -36.07 4.35 18.75
C GLY B 57 -35.44 4.07 17.39
N VAL B 58 -34.16 4.39 17.21
CA VAL B 58 -33.49 4.33 15.88
C VAL B 58 -33.28 2.88 15.44
N GLU B 59 -33.69 2.57 14.19
CA GLU B 59 -33.57 1.21 13.59
C GLU B 59 -32.10 0.93 13.28
N VAL B 60 -31.71 -0.34 13.44
CA VAL B 60 -30.36 -0.89 13.14
C VAL B 60 -30.06 -0.66 11.66
N THR B 61 -28.79 -0.39 11.35
CA THR B 61 -28.24 -0.33 9.98
C THR B 61 -27.42 -1.61 9.77
N ALA B 62 -27.82 -2.42 8.79
CA ALA B 62 -27.21 -3.74 8.53
C ALA B 62 -26.10 -3.59 7.49
N LYS B 63 -25.14 -4.49 7.52
CA LYS B 63 -24.09 -4.67 6.48
C LYS B 63 -24.73 -4.63 5.11
N GLN B 64 -25.87 -5.30 4.93
CA GLN B 64 -26.55 -5.42 3.62
C GLN B 64 -26.97 -4.02 3.16
N ASP B 65 -27.33 -3.12 4.08
CA ASP B 65 -27.70 -1.74 3.72
C ASP B 65 -26.46 -1.05 3.14
N LEU B 66 -25.29 -1.19 3.78
CA LEU B 66 -24.02 -0.61 3.25
C LEU B 66 -23.74 -1.18 1.85
N ARG B 67 -24.00 -2.47 1.61
CA ARG B 67 -23.74 -3.08 0.27
C ARG B 67 -24.77 -2.57 -0.74
N ASP B 68 -26.05 -2.49 -0.37
CA ASP B 68 -27.12 -1.99 -1.27
C ASP B 68 -26.85 -0.52 -1.66
N GLN B 69 -26.16 0.24 -0.82
CA GLN B 69 -25.93 1.70 -1.05
C GLN B 69 -24.60 1.93 -1.80
N TYR B 70 -23.88 0.87 -2.19
CA TYR B 70 -22.64 0.97 -2.99
C TYR B 70 -22.86 1.85 -4.21
N PRO B 71 -21.96 2.83 -4.54
CA PRO B 71 -20.83 3.21 -3.70
C PRO B 71 -21.08 4.34 -2.65
N PHE B 72 -21.95 5.33 -2.90
CA PHE B 72 -21.98 6.57 -2.06
C PHE B 72 -23.39 6.89 -1.53
N GLY B 73 -24.25 5.88 -1.42
CA GLY B 73 -25.59 6.04 -0.79
C GLY B 73 -25.51 6.47 0.68
N MET B 74 -24.40 6.17 1.37
CA MET B 74 -24.23 6.51 2.80
C MET B 74 -23.54 7.87 2.94
N LEU B 75 -23.37 8.62 1.86
CA LEU B 75 -22.50 9.84 1.85
C LEU B 75 -23.30 11.06 2.32
N ALA B 76 -22.83 11.78 3.34
CA ALA B 76 -23.55 12.95 3.92
C ALA B 76 -22.88 14.29 3.59
N VAL B 77 -21.72 14.30 2.93
CA VAL B 77 -20.95 15.52 2.53
C VAL B 77 -20.72 15.52 1.02
N GLY B 78 -20.43 16.70 0.46
CA GLY B 78 -19.98 16.81 -0.94
C GLY B 78 -18.73 15.96 -1.12
N ARG B 79 -18.56 15.38 -2.29
CA ARG B 79 -17.42 14.50 -2.61
C ARG B 79 -16.09 15.27 -2.49
N GLU B 80 -16.10 16.61 -2.66
CA GLU B 80 -14.88 17.46 -2.61
C GLU B 80 -14.25 17.38 -1.19
N HIS B 81 -15.08 17.05 -0.16
CA HIS B 81 -14.63 16.97 1.27
C HIS B 81 -14.05 15.59 1.61
N LEU B 82 -14.12 14.58 0.73
CA LEU B 82 -13.57 13.21 1.03
C LEU B 82 -12.05 13.29 0.94
N ALA B 83 -11.32 12.66 1.85
CA ALA B 83 -9.86 12.54 1.78
C ALA B 83 -9.46 11.18 1.18
N THR B 84 -10.03 10.07 1.67
CA THR B 84 -9.75 8.71 1.17
C THR B 84 -11.04 7.89 1.10
N TYR B 85 -10.99 6.88 0.25
CA TYR B 85 -12.09 5.93 -0.03
C TYR B 85 -11.50 4.53 0.22
N HIS B 86 -12.29 3.64 0.79
CA HIS B 86 -11.86 2.28 1.17
C HIS B 86 -12.97 1.29 0.88
N GLU B 87 -12.58 0.01 0.76
CA GLU B 87 -13.53 -1.11 0.66
C GLU B 87 -13.12 -2.18 1.64
N SER B 88 -14.09 -2.95 2.08
CA SER B 88 -13.91 -3.92 3.18
C SER B 88 -13.25 -5.18 2.60
N SER B 89 -12.65 -5.99 3.47
CA SER B 89 -12.19 -7.37 3.15
C SER B 89 -13.44 -8.26 2.98
N GLY B 90 -13.24 -9.55 2.72
CA GLY B 90 -14.32 -10.49 2.40
C GLY B 90 -14.61 -10.51 0.91
N THR B 91 -15.85 -10.84 0.56
CA THR B 91 -16.34 -11.08 -0.83
C THR B 91 -15.98 -9.87 -1.71
N ALA B 92 -15.35 -10.13 -2.87
CA ALA B 92 -15.05 -9.08 -3.88
C ALA B 92 -16.34 -8.71 -4.61
N GLY B 93 -17.26 -9.70 -4.73
CA GLY B 93 -18.51 -9.60 -5.50
C GLY B 93 -19.47 -8.54 -4.95
N GLU B 94 -19.45 -8.29 -3.64
CA GLU B 94 -20.44 -7.38 -3.01
C GLU B 94 -19.66 -6.42 -2.12
N PRO B 95 -19.05 -5.39 -2.73
CA PRO B 95 -18.15 -4.51 -2.00
C PRO B 95 -18.92 -3.61 -0.99
N THR B 96 -18.25 -3.35 0.11
CA THR B 96 -18.67 -2.39 1.15
C THR B 96 -17.75 -1.18 1.07
N ALA B 97 -18.28 -0.04 0.63
CA ALA B 97 -17.52 1.22 0.52
C ALA B 97 -17.53 1.96 1.86
N SER B 98 -16.38 2.56 2.21
CA SER B 98 -16.22 3.47 3.36
C SER B 98 -15.40 4.67 2.87
N TYR B 99 -15.57 5.83 3.49
CA TYR B 99 -14.92 7.08 3.04
C TYR B 99 -14.94 8.07 4.21
N TYR B 100 -13.90 8.91 4.25
CA TYR B 100 -13.51 9.74 5.41
C TYR B 100 -13.03 11.10 4.92
N THR B 101 -13.46 12.19 5.58
CA THR B 101 -12.88 13.55 5.45
C THR B 101 -11.54 13.57 6.19
N GLU B 102 -10.76 14.64 6.02
CA GLU B 102 -9.50 14.90 6.77
C GLU B 102 -9.81 14.85 8.27
N GLU B 103 -10.91 15.45 8.72
CA GLU B 103 -11.22 15.54 10.17
C GLU B 103 -11.69 14.16 10.64
N ASP B 104 -12.44 13.42 9.82
CA ASP B 104 -12.77 12.00 10.13
C ASP B 104 -11.47 11.25 10.42
N TRP B 105 -10.45 11.50 9.61
CA TRP B 105 -9.16 10.78 9.74
C TRP B 105 -8.46 11.09 11.06
N THR B 106 -8.62 12.28 11.60
CA THR B 106 -7.98 12.60 12.90
C THR B 106 -8.56 11.70 14.00
N ASP B 107 -9.87 11.50 14.01
CA ASP B 107 -10.54 10.58 14.96
C ASP B 107 -10.03 9.15 14.74
N LEU B 108 -9.98 8.68 13.49
CA LEU B 108 -9.50 7.30 13.19
C LEU B 108 -8.08 7.10 13.71
N ALA B 109 -7.19 8.05 13.42
CA ALA B 109 -5.76 7.98 13.79
C ALA B 109 -5.63 7.98 15.31
N GLU B 110 -6.39 8.83 16.01
CA GLU B 110 -6.33 8.92 17.48
C GLU B 110 -6.73 7.56 18.09
N ARG B 111 -7.77 6.93 17.56
CA ARG B 111 -8.28 5.67 18.14
C ARG B 111 -7.24 4.57 17.95
N PHE B 112 -6.64 4.44 16.77
CA PHE B 112 -5.56 3.45 16.57
C PHE B 112 -4.40 3.76 17.53
N ALA B 113 -4.07 5.03 17.72
CA ALA B 113 -2.87 5.45 18.48
C ALA B 113 -3.05 5.17 19.99
N ARG B 114 -4.24 4.74 20.43
CA ARG B 114 -4.49 4.36 21.85
C ARG B 114 -3.89 2.99 22.10
N LYS B 115 -2.57 2.95 22.14
CA LYS B 115 -1.77 1.75 22.37
C LYS B 115 -1.16 1.93 23.74
N TRP B 116 -1.49 1.05 24.68
CA TRP B 116 -1.02 1.17 26.09
C TRP B 116 0.52 1.20 26.12
N THR B 117 1.20 0.64 25.12
CA THR B 117 2.69 0.61 25.05
C THR B 117 3.26 1.97 24.60
N GLY B 118 2.35 2.83 24.08
CA GLY B 118 2.68 4.11 23.45
C GLY B 118 3.16 3.89 22.03
N ILE B 119 3.14 4.98 21.26
CA ILE B 119 3.86 5.19 19.97
C ILE B 119 4.59 6.52 20.06
N HIS B 120 5.92 6.51 19.85
CA HIS B 120 6.80 7.66 20.12
C HIS B 120 7.68 7.91 18.90
N PRO B 121 8.25 9.13 18.79
CA PRO B 121 9.30 9.41 17.81
C PRO B 121 10.47 8.40 17.82
N SER B 122 10.79 7.85 19.00
CA SER B 122 11.89 6.87 19.19
C SER B 122 11.56 5.57 18.45
N ASP B 123 10.31 5.35 18.05
CA ASP B 123 9.86 4.08 17.43
C ASP B 123 10.12 4.06 15.93
N THR B 124 10.46 2.86 15.43
CA THR B 124 10.47 2.50 14.00
C THR B 124 9.36 1.46 13.83
N PHE B 125 8.33 1.79 13.09
CA PHE B 125 7.02 1.08 13.09
C PHE B 125 6.83 0.41 11.72
N LEU B 126 6.95 -0.92 11.66
CA LEU B 126 6.71 -1.70 10.42
C LEU B 126 5.20 -1.95 10.28
N VAL B 127 4.59 -1.38 9.26
CA VAL B 127 3.13 -1.59 8.99
C VAL B 127 3.05 -2.74 7.98
N ARG B 128 2.56 -3.89 8.42
CA ARG B 128 2.59 -5.15 7.65
C ARG B 128 1.14 -5.63 7.53
N THR B 129 0.27 -4.75 7.02
CA THR B 129 -1.12 -5.05 6.62
C THR B 129 -1.30 -4.45 5.24
N PRO B 130 -2.35 -4.83 4.49
CA PRO B 130 -2.51 -4.33 3.13
C PRO B 130 -2.82 -2.83 3.09
N TYR B 131 -2.34 -2.19 2.02
CA TYR B 131 -2.72 -0.79 1.63
C TYR B 131 -3.70 -0.81 0.44
N GLY B 132 -3.97 -1.98 -0.14
CA GLY B 132 -4.84 -2.10 -1.31
C GLY B 132 -6.31 -2.01 -0.89
N LEU B 133 -6.90 -0.82 -1.02
CA LEU B 133 -8.34 -0.50 -0.79
C LEU B 133 -8.73 -0.57 0.68
N VAL B 134 -8.34 -1.63 1.40
CA VAL B 134 -8.69 -1.72 2.85
C VAL B 134 -7.98 -0.61 3.63
N ILE B 135 -8.48 -0.33 4.82
CA ILE B 135 -8.07 0.88 5.58
C ILE B 135 -6.81 0.59 6.38
N THR B 136 -6.56 -0.68 6.68
CA THR B 136 -5.68 -1.12 7.78
C THR B 136 -4.25 -0.57 7.63
N GLY B 137 -3.59 -0.65 6.47
CA GLY B 137 -2.23 -0.09 6.30
C GLY B 137 -2.25 1.42 6.47
N HIS B 138 -3.24 2.06 5.87
CA HIS B 138 -3.42 3.54 5.91
C HIS B 138 -3.61 3.98 7.36
N LEU B 139 -4.36 3.19 8.13
CA LEU B 139 -4.75 3.57 9.51
C LEU B 139 -3.48 3.59 10.37
N ALA B 140 -2.71 2.51 10.36
CA ALA B 140 -1.47 2.40 11.18
C ALA B 140 -0.49 3.49 10.74
N GLN B 141 -0.35 3.71 9.44
CA GLN B 141 0.60 4.74 8.95
C GLN B 141 0.16 6.13 9.48
N ALA B 142 -1.12 6.46 9.41
CA ALA B 142 -1.67 7.76 9.87
C ALA B 142 -1.42 7.93 11.39
N ALA B 143 -1.59 6.87 12.16
CA ALA B 143 -1.35 6.91 13.62
C ALA B 143 0.17 7.08 13.88
N GLY B 144 1.01 6.39 13.11
CA GLY B 144 2.47 6.51 13.22
C GLY B 144 2.93 7.94 12.95
N ARG B 145 2.38 8.56 11.92
CA ARG B 145 2.74 9.94 11.56
C ARG B 145 2.21 10.87 12.65
N LEU B 146 0.99 10.63 13.17
CA LEU B 146 0.38 11.48 14.23
C LEU B 146 1.34 11.49 15.45
N ARG B 147 1.91 10.35 15.81
CA ARG B 147 2.72 10.21 17.04
C ARG B 147 4.22 10.37 16.74
N GLY B 148 4.62 10.58 15.48
CA GLY B 148 6.01 10.91 15.10
C GLY B 148 6.89 9.68 14.93
N ALA B 149 6.33 8.47 14.88
CA ALA B 149 7.15 7.25 14.73
C ALA B 149 7.59 7.18 13.26
N THR B 150 8.77 6.64 12.97
CA THR B 150 9.21 6.31 11.60
C THR B 150 8.36 5.16 11.07
N VAL B 151 7.57 5.42 10.04
CA VAL B 151 6.72 4.38 9.40
C VAL B 151 7.53 3.70 8.29
N VAL B 152 7.66 2.38 8.40
CA VAL B 152 8.17 1.48 7.32
C VAL B 152 6.95 0.81 6.70
N PRO B 153 6.56 1.20 5.47
CA PRO B 153 5.37 0.63 4.81
C PRO B 153 5.69 -0.75 4.22
N GLY B 154 5.44 -1.78 4.99
CA GLY B 154 5.72 -3.16 4.55
C GLY B 154 4.64 -3.64 3.62
N ASP B 155 3.42 -3.11 3.74
CA ASP B 155 2.25 -3.57 2.96
C ASP B 155 2.13 -5.07 3.32
N ALA B 156 1.18 -5.77 2.78
CA ALA B 156 0.99 -7.21 2.99
C ALA B 156 0.28 -7.65 1.72
N ARG B 157 0.62 -8.85 1.25
CA ARG B 157 0.01 -9.48 0.06
C ARG B 157 0.56 -8.79 -1.18
N SER B 158 1.66 -8.08 -1.04
CA SER B 158 2.36 -7.41 -2.15
C SER B 158 3.56 -8.28 -2.55
N LEU B 159 3.75 -8.47 -3.85
CA LEU B 159 4.93 -9.17 -4.41
C LEU B 159 6.21 -8.38 -4.07
N ALA B 160 6.11 -7.09 -3.79
CA ALA B 160 7.26 -6.23 -3.41
C ALA B 160 7.80 -6.61 -2.02
N THR B 161 6.99 -7.16 -1.11
CA THR B 161 7.39 -7.35 0.30
C THR B 161 7.16 -8.78 0.78
N PRO B 162 7.97 -9.76 0.31
CA PRO B 162 7.91 -11.10 0.88
C PRO B 162 8.53 -11.12 2.28
N LEU B 163 8.23 -12.19 3.01
CA LEU B 163 8.61 -12.35 4.44
C LEU B 163 10.13 -12.24 4.57
N SER B 164 10.92 -12.79 3.65
CA SER B 164 12.41 -12.74 3.76
C SER B 164 12.85 -11.28 3.88
N ARG B 165 12.22 -10.39 3.12
CA ARG B 165 12.61 -8.97 3.06
C ARG B 165 12.11 -8.29 4.36
N MET B 166 10.95 -8.67 4.88
CA MET B 166 10.43 -8.11 6.15
C MET B 166 11.35 -8.52 7.31
N VAL B 167 11.87 -9.75 7.29
CA VAL B 167 12.79 -10.25 8.36
C VAL B 167 14.06 -9.38 8.34
N ARG B 168 14.61 -9.16 7.16
CA ARG B 168 15.84 -8.35 7.01
C ARG B 168 15.53 -6.93 7.51
N VAL B 169 14.34 -6.40 7.20
CA VAL B 169 13.94 -5.04 7.66
C VAL B 169 13.84 -5.02 9.19
N LEU B 170 13.13 -5.97 9.80
CA LEU B 170 12.97 -6.07 11.28
C LEU B 170 14.33 -6.02 11.98
N LYS B 171 15.28 -6.81 11.50
CA LYS B 171 16.61 -6.95 12.13
C LYS B 171 17.45 -5.67 11.90
N THR B 172 17.64 -5.26 10.65
CA THR B 172 18.71 -4.30 10.27
C THR B 172 18.24 -2.88 10.56
N LEU B 173 16.93 -2.62 10.59
CA LEU B 173 16.40 -1.27 10.88
C LEU B 173 16.06 -1.12 12.37
N ASP B 174 16.29 -2.15 13.19
CA ASP B 174 16.02 -2.10 14.65
C ASP B 174 14.55 -1.73 14.87
N VAL B 175 13.65 -2.37 14.14
CA VAL B 175 12.20 -2.08 14.23
C VAL B 175 11.76 -2.28 15.68
N THR B 176 10.96 -1.36 16.20
CA THR B 176 10.51 -1.38 17.61
C THR B 176 9.06 -1.81 17.72
N LEU B 177 8.25 -1.58 16.67
CA LEU B 177 6.80 -1.90 16.68
C LEU B 177 6.42 -2.54 15.35
N THR B 178 5.45 -3.48 15.38
CA THR B 178 4.87 -4.09 14.18
C THR B 178 3.36 -3.98 14.26
N TRP B 179 2.72 -4.01 13.10
CA TRP B 179 1.24 -4.10 12.96
C TRP B 179 0.98 -5.14 11.88
N CYS B 180 0.33 -6.23 12.27
CA CYS B 180 -0.01 -7.34 11.35
C CYS B 180 -0.96 -8.27 12.09
N ASN B 181 -1.68 -9.09 11.32
CA ASN B 181 -2.64 -10.06 11.89
C ASN B 181 -1.84 -11.11 12.66
N PRO B 182 -2.48 -11.87 13.57
CA PRO B 182 -1.77 -12.83 14.41
C PRO B 182 -1.12 -13.99 13.62
N THR B 183 -1.72 -14.40 12.50
CA THR B 183 -1.12 -15.43 11.61
C THR B 183 0.20 -14.85 11.05
N GLU B 184 0.20 -13.59 10.65
CA GLU B 184 1.43 -12.94 10.11
C GLU B 184 2.52 -12.90 11.18
N ILE B 185 2.15 -12.79 12.46
CA ILE B 185 3.15 -12.81 13.55
C ILE B 185 3.90 -14.16 13.52
N THR B 186 3.19 -15.26 13.27
CA THR B 186 3.82 -16.60 13.23
C THR B 186 4.57 -16.77 11.90
N MET B 187 4.04 -16.21 10.79
CA MET B 187 4.72 -16.26 9.47
C MET B 187 6.09 -15.57 9.63
N LEU B 188 6.12 -14.42 10.28
CA LEU B 188 7.40 -13.67 10.44
C LEU B 188 8.37 -14.49 11.31
N ALA B 189 7.85 -15.17 12.34
CA ALA B 189 8.66 -16.00 13.26
C ALA B 189 9.27 -17.16 12.46
N ALA B 190 8.48 -17.81 11.61
CA ALA B 190 8.96 -18.95 10.80
C ALA B 190 9.98 -18.42 9.79
N ALA B 191 9.76 -17.25 9.18
CA ALA B 191 10.68 -16.66 8.18
C ALA B 191 12.01 -16.29 8.87
N ALA B 192 11.96 -15.76 10.09
CA ALA B 192 13.16 -15.42 10.89
C ALA B 192 14.00 -16.69 11.11
N LYS B 193 13.37 -17.76 11.59
CA LYS B 193 14.05 -19.06 11.86
C LYS B 193 14.67 -19.59 10.56
N ALA B 194 13.96 -19.53 9.44
CA ALA B 194 14.48 -20.04 8.15
C ALA B 194 15.68 -19.19 7.71
N ALA B 195 15.80 -17.93 8.16
CA ALA B 195 16.97 -17.07 7.88
C ALA B 195 18.08 -17.28 8.94
N GLY B 196 17.89 -18.19 9.90
CA GLY B 196 18.86 -18.49 10.97
C GLY B 196 18.85 -17.45 12.09
N LEU B 197 17.73 -16.75 12.27
CA LEU B 197 17.52 -15.79 13.38
C LEU B 197 16.49 -16.35 14.36
N ARG B 198 16.70 -16.09 15.64
CA ARG B 198 15.84 -16.57 16.74
C ARG B 198 14.91 -15.43 17.12
N PRO B 199 13.60 -15.55 16.84
CA PRO B 199 12.66 -14.49 17.17
C PRO B 199 12.71 -14.09 18.65
N ASP B 200 13.09 -15.02 19.53
CA ASP B 200 13.06 -14.78 21.00
C ASP B 200 14.33 -14.06 21.49
N GLN B 201 15.35 -13.84 20.65
CA GLN B 201 16.62 -13.22 21.14
C GLN B 201 17.23 -12.26 20.15
N ASP B 202 17.03 -12.43 18.84
CA ASP B 202 17.84 -11.76 17.79
C ASP B 202 17.20 -10.43 17.33
N PHE B 203 16.07 -10.01 17.93
CA PHE B 203 15.39 -8.73 17.63
C PHE B 203 15.22 -7.95 18.93
N PRO B 204 16.35 -7.56 19.56
CA PRO B 204 16.31 -6.93 20.90
C PRO B 204 15.61 -5.56 20.93
N HIS B 205 15.49 -4.85 19.80
CA HIS B 205 14.83 -3.52 19.72
C HIS B 205 13.32 -3.69 19.57
N LEU B 206 12.83 -4.86 19.18
CA LEU B 206 11.36 -5.06 18.99
C LEU B 206 10.72 -5.05 20.37
N ARG B 207 9.86 -4.07 20.68
CA ARG B 207 9.34 -3.88 22.06
C ARG B 207 7.84 -4.20 22.13
N ALA B 208 7.11 -4.20 21.02
CA ALA B 208 5.69 -4.59 21.02
C ALA B 208 5.22 -4.96 19.61
N MET B 209 4.18 -5.79 19.55
CA MET B 209 3.53 -6.21 18.29
C MET B 209 2.05 -5.91 18.41
N PHE B 210 1.54 -5.05 17.53
CA PHE B 210 0.12 -4.65 17.43
C PHE B 210 -0.57 -5.63 16.49
N THR B 211 -1.76 -6.10 16.83
CA THR B 211 -2.43 -7.12 16.01
C THR B 211 -3.94 -6.95 16.11
N ALA B 212 -4.67 -7.53 15.14
CA ALA B 212 -6.13 -7.50 15.00
C ALA B 212 -6.53 -8.46 13.90
N ALA B 213 -7.84 -8.51 13.60
CA ALA B 213 -8.41 -8.98 12.32
C ALA B 213 -8.79 -10.47 12.40
N GLU B 214 -8.35 -11.18 13.42
CA GLU B 214 -8.67 -12.61 13.69
C GLU B 214 -9.13 -12.73 15.12
N PRO B 215 -10.13 -13.59 15.39
CA PRO B 215 -10.45 -13.97 16.77
C PRO B 215 -9.17 -14.54 17.41
N LEU B 216 -8.75 -14.01 18.55
CA LEU B 216 -7.43 -14.36 19.13
C LEU B 216 -7.60 -14.75 20.61
N THR B 217 -7.42 -16.03 20.93
CA THR B 217 -7.49 -16.53 22.34
C THR B 217 -6.27 -16.01 23.11
N GLU B 218 -6.40 -15.93 24.42
CA GLU B 218 -5.29 -15.52 25.32
C GLU B 218 -4.18 -16.57 25.22
N VAL B 219 -4.53 -17.86 25.08
CA VAL B 219 -3.50 -18.94 24.98
C VAL B 219 -2.66 -18.68 23.74
N ARG B 220 -3.27 -18.38 22.59
CA ARG B 220 -2.50 -18.12 21.36
C ARG B 220 -1.71 -16.81 21.51
N ARG B 221 -2.35 -15.76 22.03
CA ARG B 221 -1.69 -14.43 22.19
C ARG B 221 -0.42 -14.58 23.05
N ARG B 222 -0.50 -15.27 24.17
CA ARG B 222 0.65 -15.56 25.09
C ARG B 222 1.76 -16.33 24.37
N ARG B 223 1.41 -17.33 23.57
CA ARG B 223 2.41 -18.09 22.79
C ARG B 223 3.11 -17.16 21.79
N LEU B 224 2.35 -16.31 21.09
CA LEU B 224 2.93 -15.37 20.09
C LEU B 224 3.93 -14.44 20.78
N SER B 225 3.56 -13.94 21.97
CA SER B 225 4.46 -13.11 22.82
C SER B 225 5.75 -13.89 23.12
N GLU B 226 5.62 -15.14 23.58
CA GLU B 226 6.74 -16.03 24.00
C GLU B 226 7.66 -16.29 22.80
N ILE B 227 7.09 -16.56 21.63
CA ILE B 227 7.88 -16.80 20.39
C ILE B 227 8.80 -15.59 20.17
N TRP B 228 8.29 -14.37 20.38
CA TRP B 228 9.02 -13.11 20.09
C TRP B 228 9.68 -12.54 21.35
N GLY B 229 10.04 -13.39 22.32
CA GLY B 229 10.91 -12.99 23.46
C GLY B 229 10.12 -12.45 24.64
N GLY B 230 8.80 -12.66 24.68
CA GLY B 230 7.96 -12.26 25.83
C GLY B 230 7.51 -10.82 25.75
N ILE B 231 7.61 -10.17 24.60
CA ILE B 231 7.18 -8.75 24.42
C ILE B 231 5.67 -8.72 24.30
N PRO B 232 5.04 -7.57 24.60
CA PRO B 232 3.59 -7.48 24.52
C PRO B 232 3.04 -7.64 23.08
N VAL B 233 1.98 -8.44 22.98
CA VAL B 233 1.15 -8.55 21.77
C VAL B 233 -0.15 -7.80 22.11
N VAL B 234 -0.33 -6.67 21.43
CA VAL B 234 -1.35 -5.63 21.76
C VAL B 234 -2.45 -5.74 20.72
N GLU B 235 -3.57 -6.32 21.11
CA GLU B 235 -4.73 -6.55 20.24
C GLU B 235 -5.57 -5.28 20.13
N GLU B 236 -6.12 -5.02 18.95
CA GLU B 236 -7.30 -4.15 18.81
C GLU B 236 -8.39 -4.84 17.99
N TYR B 237 -9.58 -4.23 18.03
CA TYR B 237 -10.78 -4.67 17.30
C TYR B 237 -11.34 -3.49 16.52
N GLY B 238 -11.56 -3.69 15.24
CA GLY B 238 -12.25 -2.72 14.37
C GLY B 238 -12.74 -3.35 13.07
N SER B 239 -13.00 -2.50 12.07
CA SER B 239 -13.50 -2.84 10.74
C SER B 239 -13.21 -1.66 9.81
N THR B 240 -13.18 -1.85 8.49
CA THR B 240 -12.95 -0.75 7.51
C THR B 240 -13.97 0.38 7.69
N GLU B 241 -15.19 -0.02 8.05
CA GLU B 241 -16.37 0.87 8.09
C GLU B 241 -16.36 1.71 9.37
N THR B 242 -15.67 1.28 10.44
CA THR B 242 -15.76 1.92 11.78
C THR B 242 -14.41 2.49 12.24
N GLY B 243 -13.30 2.04 11.69
CA GLY B 243 -11.99 2.16 12.36
C GLY B 243 -11.93 1.29 13.61
N THR B 244 -10.92 1.53 14.43
CA THR B 244 -10.63 0.85 15.71
C THR B 244 -11.74 1.21 16.68
N ILE B 245 -12.44 0.21 17.22
CA ILE B 245 -13.50 0.48 18.22
C ILE B 245 -13.11 -0.06 19.61
N ALA B 246 -12.02 -0.83 19.72
CA ALA B 246 -11.58 -1.35 21.05
C ALA B 246 -10.09 -1.63 21.02
N GLY B 247 -9.41 -1.40 22.13
CA GLY B 247 -7.96 -1.58 22.22
C GLY B 247 -7.60 -2.18 23.56
N GLN B 248 -6.51 -2.93 23.56
CA GLN B 248 -6.02 -3.70 24.73
C GLN B 248 -5.55 -2.72 25.81
N CYS B 249 -5.80 -3.06 27.08
CA CYS B 249 -5.19 -2.41 28.26
C CYS B 249 -3.97 -3.22 28.70
N PRO B 250 -3.14 -2.74 29.64
CA PRO B 250 -1.99 -3.52 30.12
C PRO B 250 -2.37 -4.87 30.76
N GLU B 251 -3.64 -5.08 31.12
CA GLU B 251 -4.11 -6.34 31.75
C GLU B 251 -4.51 -7.37 30.70
N GLY B 252 -4.55 -6.99 29.42
CA GLY B 252 -4.76 -7.91 28.30
C GLY B 252 -6.22 -8.00 27.85
N ARG B 253 -7.11 -7.15 28.37
CA ARG B 253 -8.52 -7.01 27.88
C ARG B 253 -8.60 -5.88 26.83
N MET B 254 -9.50 -6.03 25.87
CA MET B 254 -9.86 -4.95 24.93
C MET B 254 -10.97 -4.12 25.56
N HIS B 255 -10.80 -2.80 25.58
CA HIS B 255 -11.81 -1.83 26.09
C HIS B 255 -12.40 -1.07 24.91
N LEU B 256 -13.72 -0.90 24.89
CA LEU B 256 -14.45 -0.16 23.83
C LEU B 256 -14.12 1.32 23.92
N TRP B 257 -13.88 1.96 22.77
CA TRP B 257 -13.57 3.41 22.75
C TRP B 257 -14.89 4.18 22.78
N ALA B 258 -15.63 4.06 23.89
CA ALA B 258 -17.05 4.50 23.99
C ALA B 258 -17.13 6.03 24.07
N ASP B 259 -16.00 6.71 24.30
CA ASP B 259 -15.97 8.19 24.21
C ASP B 259 -16.15 8.60 22.73
N ARG B 260 -15.83 7.75 21.76
CA ARG B 260 -15.84 8.11 20.33
C ARG B 260 -17.01 7.43 19.60
N ALA B 261 -17.80 6.61 20.28
CA ALA B 261 -18.90 5.87 19.62
C ALA B 261 -19.82 5.27 20.68
N ILE B 262 -21.11 5.20 20.36
CA ILE B 262 -22.10 4.48 21.21
C ILE B 262 -22.09 3.01 20.80
N PHE B 263 -21.77 2.13 21.75
CA PHE B 263 -21.68 0.67 21.59
C PHE B 263 -22.88 0.04 22.28
N GLU B 264 -23.52 -0.85 21.53
CA GLU B 264 -24.74 -1.58 21.95
C GLU B 264 -24.60 -3.03 21.49
N VAL B 265 -25.34 -3.93 22.12
CA VAL B 265 -25.30 -5.37 21.81
C VAL B 265 -26.71 -5.74 21.34
N TYR B 266 -26.79 -6.30 20.13
CA TYR B 266 -28.05 -6.66 19.44
C TYR B 266 -28.31 -8.15 19.67
N ASP B 267 -29.46 -8.47 20.25
CA ASP B 267 -29.91 -9.86 20.43
C ASP B 267 -30.82 -10.14 19.23
N PRO B 268 -30.40 -11.00 18.27
CA PRO B 268 -31.14 -11.16 17.01
C PRO B 268 -32.46 -11.93 17.23
N ARG B 269 -32.54 -12.73 18.29
CA ARG B 269 -33.77 -13.47 18.70
C ARG B 269 -34.88 -12.47 19.05
N THR B 270 -34.59 -11.51 19.91
CA THR B 270 -35.57 -10.55 20.48
C THR B 270 -35.55 -9.23 19.70
N GLY B 271 -34.41 -8.91 19.06
CA GLY B 271 -34.19 -7.61 18.41
C GLY B 271 -34.15 -6.48 19.42
N THR B 272 -33.69 -6.75 20.65
CA THR B 272 -33.47 -5.71 21.69
C THR B 272 -32.00 -5.25 21.61
N LEU B 273 -31.76 -3.98 21.89
CA LEU B 273 -30.41 -3.40 22.05
C LEU B 273 -30.14 -3.12 23.53
N SER B 274 -28.97 -3.52 24.02
CA SER B 274 -28.57 -3.29 25.44
C SER B 274 -27.12 -2.81 25.50
N GLU B 275 -26.78 -2.12 26.58
CA GLU B 275 -25.46 -1.49 26.79
C GLU B 275 -24.43 -2.61 26.99
N ALA B 276 -24.82 -3.82 27.35
CA ALA B 276 -23.83 -4.90 27.61
C ALA B 276 -24.48 -6.27 27.49
N GLY B 277 -23.66 -7.31 27.42
CA GLY B 277 -24.07 -8.72 27.37
C GLY B 277 -23.52 -9.41 26.14
N ARG B 278 -24.11 -10.56 25.79
CA ARG B 278 -23.76 -11.37 24.60
C ARG B 278 -24.72 -11.01 23.44
N GLY B 279 -24.17 -10.96 22.22
CA GLY B 279 -24.91 -10.68 20.98
C GLY B 279 -24.03 -9.98 19.97
N GLN B 280 -24.66 -9.20 19.09
CA GLN B 280 -23.98 -8.65 17.89
C GLN B 280 -23.54 -7.21 18.16
N MET B 281 -22.29 -6.91 17.84
CA MET B 281 -21.66 -5.58 18.10
C MET B 281 -22.38 -4.53 17.25
N VAL B 282 -23.06 -3.58 17.87
CA VAL B 282 -23.69 -2.42 17.18
C VAL B 282 -22.91 -1.15 17.54
N VAL B 283 -22.59 -0.32 16.54
CA VAL B 283 -21.73 0.89 16.67
C VAL B 283 -22.42 2.11 16.06
N THR B 284 -22.47 3.21 16.82
CA THR B 284 -22.81 4.56 16.31
C THR B 284 -21.60 5.48 16.51
N PRO B 285 -20.72 5.63 15.52
CA PRO B 285 -19.57 6.52 15.65
C PRO B 285 -20.00 7.99 15.87
N LEU B 286 -19.32 8.72 16.77
CA LEU B 286 -19.77 10.09 17.14
C LEU B 286 -18.97 11.14 16.37
N TYR B 287 -17.80 10.82 15.80
CA TYR B 287 -16.91 11.85 15.22
C TYR B 287 -16.58 11.54 13.76
N ARG B 288 -17.62 11.46 12.93
CA ARG B 288 -17.48 11.20 11.50
C ARG B 288 -18.55 11.97 10.71
N ASP B 289 -18.12 12.71 9.70
CA ASP B 289 -18.99 13.60 8.90
C ASP B 289 -19.37 12.87 7.61
N ALA B 290 -18.42 12.21 6.94
CA ALA B 290 -18.62 11.79 5.52
C ALA B 290 -19.66 10.67 5.45
N MET B 291 -19.58 9.71 6.35
CA MET B 291 -20.37 8.47 6.23
C MET B 291 -21.03 8.15 7.56
N PRO B 292 -22.05 8.94 7.95
CA PRO B 292 -22.77 8.69 9.20
C PRO B 292 -23.31 7.25 9.24
N LEU B 293 -23.12 6.59 10.38
CA LEU B 293 -23.72 5.26 10.66
C LEU B 293 -24.55 5.36 11.96
N LEU B 294 -25.83 5.04 11.88
CA LEU B 294 -26.75 4.93 13.05
C LEU B 294 -26.94 3.44 13.38
N ARG B 295 -26.44 3.02 14.56
CA ARG B 295 -26.57 1.65 15.08
C ARG B 295 -26.21 0.65 13.97
N TYR B 296 -25.00 0.78 13.46
CA TYR B 296 -24.44 -0.14 12.45
C TYR B 296 -24.11 -1.47 13.11
N ASN B 297 -24.77 -2.53 12.68
CA ASN B 297 -24.56 -3.90 13.21
C ASN B 297 -23.39 -4.54 12.47
N LEU B 298 -22.20 -4.57 13.06
CA LEU B 298 -21.03 -5.31 12.54
C LEU B 298 -21.30 -6.81 12.38
N ALA B 299 -22.29 -7.35 13.08
CA ALA B 299 -22.68 -8.79 13.04
C ALA B 299 -21.54 -9.68 13.59
N ASP B 300 -20.59 -9.13 14.34
CA ASP B 300 -19.62 -9.93 15.12
C ASP B 300 -20.31 -10.35 16.41
N ASP B 301 -20.10 -11.60 16.81
CA ASP B 301 -20.62 -12.17 18.06
C ASP B 301 -19.65 -11.71 19.16
N VAL B 302 -20.14 -10.94 20.13
CA VAL B 302 -19.27 -10.32 21.18
C VAL B 302 -19.90 -10.52 22.56
N GLU B 303 -19.05 -10.46 23.59
CA GLU B 303 -19.49 -10.27 25.00
C GLU B 303 -18.91 -8.95 25.51
N VAL B 304 -19.79 -8.04 25.88
CA VAL B 304 -19.47 -6.71 26.43
C VAL B 304 -19.76 -6.75 27.92
N SER B 305 -18.78 -6.38 28.76
CA SER B 305 -18.94 -6.30 30.24
C SER B 305 -18.59 -4.89 30.71
N THR B 306 -19.43 -4.30 31.55
CA THR B 306 -19.15 -3.06 32.34
C THR B 306 -18.39 -3.37 33.64
N ASP B 307 -18.02 -4.63 33.89
CA ASP B 307 -17.28 -5.02 35.12
C ASP B 307 -15.93 -4.32 35.10
N PRO B 308 -15.45 -3.77 36.25
CA PRO B 308 -14.14 -3.13 36.28
C PRO B 308 -13.02 -4.10 35.88
N CYS B 309 -12.00 -3.51 35.24
CA CYS B 309 -10.72 -4.18 34.92
C CYS B 309 -9.62 -3.61 35.88
N GLY B 310 -8.62 -4.48 36.14
CA GLY B 310 -7.36 -4.13 36.85
C GLY B 310 -6.67 -2.88 36.30
N CYS B 311 -6.80 -2.57 35.01
CA CYS B 311 -6.16 -1.37 34.36
C CYS B 311 -6.70 -0.06 34.95
N GLY B 312 -7.95 -0.02 35.43
CA GLY B 312 -8.59 1.23 35.94
C GLY B 312 -9.20 2.13 34.86
N TRP B 313 -9.13 1.78 33.58
CA TRP B 313 -9.82 2.57 32.51
C TRP B 313 -11.33 2.47 32.73
N LEU B 314 -12.02 3.61 32.67
CA LEU B 314 -13.49 3.68 32.93
C LEU B 314 -14.22 3.43 31.60
N LEU B 315 -14.06 2.23 31.05
CA LEU B 315 -14.62 1.77 29.76
C LEU B 315 -14.95 0.26 29.85
N PRO B 316 -16.09 -0.13 29.21
CA PRO B 316 -16.47 -1.55 29.08
C PRO B 316 -15.40 -2.33 28.30
N THR B 317 -15.31 -3.61 28.62
CA THR B 317 -14.45 -4.60 27.92
C THR B 317 -15.28 -5.33 26.89
N VAL B 318 -14.60 -5.92 25.93
CA VAL B 318 -15.25 -6.72 24.86
C VAL B 318 -14.37 -7.91 24.54
N THR B 319 -14.99 -9.08 24.48
CA THR B 319 -14.42 -10.31 23.85
C THR B 319 -15.13 -10.52 22.51
N VAL B 320 -14.36 -10.76 21.46
CA VAL B 320 -14.85 -11.00 20.07
C VAL B 320 -14.69 -12.50 19.77
N LEU B 321 -15.82 -13.20 19.62
CA LEU B 321 -15.90 -14.67 19.37
C LEU B 321 -15.77 -14.99 17.86
N GLY B 322 -16.34 -14.16 16.98
CA GLY B 322 -16.36 -14.37 15.52
C GLY B 322 -17.68 -14.96 15.06
N HIS B 328 -19.76 -25.30 14.54
CA HIS B 328 -19.67 -26.69 14.03
C HIS B 328 -19.80 -27.64 15.22
N ARG B 329 -20.88 -28.45 15.23
CA ARG B 329 -21.17 -29.49 16.26
C ARG B 329 -20.78 -30.83 15.64
N ILE B 330 -20.20 -31.75 16.44
CA ILE B 330 -19.71 -33.08 15.98
C ILE B 330 -20.17 -34.13 16.98
N GLY B 331 -21.31 -34.76 16.69
CA GLY B 331 -22.02 -35.67 17.62
C GLY B 331 -22.35 -34.95 18.91
N PRO B 332 -21.90 -35.45 20.09
CA PRO B 332 -22.28 -34.88 21.38
C PRO B 332 -21.72 -33.47 21.62
N ALA B 333 -20.54 -33.16 21.06
CA ALA B 333 -19.72 -31.98 21.40
C ALA B 333 -19.94 -30.85 20.40
N THR B 334 -19.79 -29.61 20.88
CA THR B 334 -19.76 -28.36 20.09
C THR B 334 -18.28 -27.96 19.96
N VAL B 335 -17.74 -27.89 18.75
CA VAL B 335 -16.28 -27.64 18.47
C VAL B 335 -16.17 -26.27 17.82
N THR B 336 -15.47 -25.32 18.47
CA THR B 336 -15.20 -23.96 17.96
C THR B 336 -13.71 -23.88 17.59
N GLN B 337 -13.38 -22.97 16.69
CA GLN B 337 -11.98 -22.67 16.33
C GLN B 337 -11.22 -22.23 17.59
N GLN B 338 -11.87 -21.40 18.43
CA GLN B 338 -11.28 -20.81 19.65
C GLN B 338 -10.84 -21.95 20.58
N ARG B 339 -11.72 -22.92 20.79
CA ARG B 339 -11.45 -24.07 21.69
C ARG B 339 -10.26 -24.88 21.12
N LEU B 340 -10.27 -25.20 19.82
CA LEU B 340 -9.18 -26.00 19.18
C LEU B 340 -7.86 -25.22 19.31
N GLU B 341 -7.91 -23.91 19.08
CA GLU B 341 -6.73 -23.02 19.08
C GLU B 341 -6.09 -23.06 20.47
N GLU B 342 -6.89 -23.03 21.52
CA GLU B 342 -6.39 -23.12 22.92
C GLU B 342 -5.63 -24.44 23.12
N LEU B 343 -6.14 -25.53 22.57
CA LEU B 343 -5.51 -26.86 22.70
C LEU B 343 -4.21 -26.90 21.86
N VAL B 344 -4.23 -26.39 20.62
CA VAL B 344 -3.02 -26.41 19.75
C VAL B 344 -1.91 -25.59 20.41
N PHE B 345 -2.24 -24.38 20.92
CA PHE B 345 -1.23 -23.43 21.43
C PHE B 345 -0.92 -23.72 22.89
N SER B 346 -1.51 -24.75 23.49
CA SER B 346 -1.09 -25.30 24.82
C SER B 346 0.01 -26.36 24.66
N LEU B 347 0.25 -26.90 23.46
CA LEU B 347 1.39 -27.84 23.23
C LEU B 347 2.66 -27.10 23.64
N PRO B 348 3.66 -27.78 24.25
CA PRO B 348 4.89 -27.11 24.69
C PRO B 348 5.53 -26.32 23.55
N ALA B 349 6.03 -25.11 23.82
CA ALA B 349 6.66 -24.21 22.83
C ALA B 349 7.74 -24.95 22.02
N ALA B 350 8.51 -25.83 22.66
CA ALA B 350 9.67 -26.51 22.07
C ALA B 350 9.23 -27.35 20.86
N TYR B 351 7.97 -27.76 20.79
CA TYR B 351 7.44 -28.58 19.66
C TYR B 351 7.27 -27.73 18.38
N GLU B 352 7.27 -26.40 18.50
CA GLU B 352 7.24 -25.43 17.35
C GLU B 352 5.98 -25.64 16.50
N VAL B 353 4.84 -25.98 17.12
CA VAL B 353 3.54 -26.08 16.40
C VAL B 353 2.92 -24.69 16.33
N MET B 354 2.83 -24.16 15.11
CA MET B 354 2.30 -22.81 14.77
C MET B 354 1.23 -22.95 13.71
N PHE B 355 1.40 -23.87 12.76
CA PHE B 355 0.54 -23.90 11.57
C PHE B 355 -0.28 -25.18 11.61
N TRP B 356 -1.59 -25.02 11.48
CA TRP B 356 -2.57 -26.12 11.67
C TRP B 356 -3.85 -25.77 10.94
N ARG B 357 -4.71 -26.75 10.79
CA ARG B 357 -6.04 -26.54 10.19
C ARG B 357 -6.90 -27.73 10.55
N ALA B 358 -8.22 -27.55 10.50
CA ALA B 358 -9.16 -28.61 10.92
C ALA B 358 -10.43 -28.53 10.06
N LYS B 359 -11.03 -29.68 9.85
CA LYS B 359 -12.34 -29.79 9.16
C LYS B 359 -13.29 -30.62 10.02
N ALA B 360 -14.49 -30.09 10.27
CA ALA B 360 -15.62 -30.79 10.93
C ALA B 360 -16.32 -31.68 9.90
N HIS B 361 -16.22 -32.99 10.04
CA HIS B 361 -17.11 -33.98 9.37
C HIS B 361 -18.25 -34.30 10.34
N PRO B 362 -19.36 -34.93 9.89
CA PRO B 362 -20.49 -35.24 10.76
C PRO B 362 -20.16 -36.03 12.09
N ASP B 363 -19.15 -36.93 11.95
CA ASP B 363 -18.80 -37.94 13.00
C ASP B 363 -17.38 -37.73 13.55
N VAL B 364 -16.51 -36.93 12.90
CA VAL B 364 -15.06 -36.91 13.25
C VAL B 364 -14.44 -35.55 12.92
N LEU B 365 -13.54 -35.09 13.78
CA LEU B 365 -12.74 -33.86 13.55
C LEU B 365 -11.40 -34.28 12.93
N GLU B 366 -11.17 -33.83 11.67
CA GLU B 366 -9.87 -34.01 10.99
C GLU B 366 -9.02 -32.77 11.32
N LEU B 367 -7.81 -32.97 11.80
CA LEU B 367 -6.86 -31.88 12.15
C LEU B 367 -5.45 -32.22 11.67
N GLU B 368 -4.78 -31.25 11.05
CA GLU B 368 -3.39 -31.37 10.57
C GLU B 368 -2.59 -30.22 11.15
N PHE B 369 -1.31 -30.44 11.44
CA PHE B 369 -0.36 -29.37 11.83
C PHE B 369 1.05 -29.75 11.40
N GLU B 370 1.91 -28.74 11.25
CA GLU B 370 3.35 -28.89 10.97
C GLU B 370 4.09 -28.95 12.29
N ALA B 371 5.02 -29.89 12.38
CA ALA B 371 5.99 -29.99 13.47
C ALA B 371 7.23 -30.70 12.94
N PRO B 372 8.43 -30.29 13.40
CA PRO B 372 9.65 -31.06 13.11
C PRO B 372 9.51 -32.54 13.49
N GLU B 373 10.18 -33.41 12.71
CA GLU B 373 10.03 -34.88 12.83
C GLU B 373 10.29 -35.36 14.27
N PRO B 374 11.34 -34.90 14.98
CA PRO B 374 11.65 -35.47 16.31
C PRO B 374 10.48 -35.34 17.32
N VAL B 375 9.67 -34.28 17.22
CA VAL B 375 8.60 -33.98 18.22
C VAL B 375 7.20 -34.38 17.70
N ARG B 376 7.09 -34.74 16.42
CA ARG B 376 5.79 -34.87 15.71
C ARG B 376 4.89 -35.89 16.41
N GLN B 377 5.40 -37.09 16.72
CA GLN B 377 4.56 -38.19 17.27
C GLN B 377 4.04 -37.79 18.68
N ARG B 378 4.88 -37.11 19.48
CA ARG B 378 4.47 -36.58 20.81
C ARG B 378 3.35 -35.55 20.67
N ALA B 379 3.47 -34.67 19.68
CA ALA B 379 2.55 -33.53 19.45
C ALA B 379 1.16 -34.08 19.06
N VAL B 380 1.16 -35.13 18.20
CA VAL B 380 -0.08 -35.83 17.74
C VAL B 380 -0.77 -36.47 18.97
N LYS B 381 0.03 -37.15 19.79
CA LYS B 381 -0.48 -37.93 20.95
C LYS B 381 -1.07 -36.94 21.99
N GLU B 382 -0.29 -35.92 22.34
CA GLU B 382 -0.66 -34.95 23.41
C GLU B 382 -1.91 -34.16 22.98
N LEU B 383 -1.95 -33.77 21.70
CA LEU B 383 -3.08 -32.97 21.17
C LEU B 383 -4.32 -33.88 21.11
N GLY B 384 -4.13 -35.17 20.76
CA GLY B 384 -5.23 -36.17 20.76
C GLY B 384 -5.90 -36.27 22.19
N ALA B 385 -4.97 -36.34 23.20
CA ALA B 385 -5.37 -36.55 24.62
C ALA B 385 -6.06 -35.27 25.13
N ALA B 386 -5.62 -34.10 24.65
CA ALA B 386 -6.21 -32.79 25.01
C ALA B 386 -7.68 -32.74 24.49
N LEU B 387 -7.86 -33.14 23.21
CA LEU B 387 -9.19 -33.23 22.53
C LEU B 387 -10.08 -34.22 23.30
N ASP B 388 -9.57 -35.40 23.63
CA ASP B 388 -10.30 -36.42 24.44
C ASP B 388 -10.74 -35.79 25.76
N ARG B 389 -9.81 -35.11 26.45
CA ARG B 389 -9.97 -34.57 27.83
C ARG B 389 -10.92 -33.36 27.83
N GLU B 390 -10.89 -32.53 26.79
CA GLU B 390 -11.57 -31.19 26.80
C GLU B 390 -12.88 -31.23 26.01
N LEU B 391 -12.95 -31.99 24.91
CA LEU B 391 -14.10 -31.96 23.95
C LEU B 391 -14.77 -33.33 23.84
N GLY B 392 -14.00 -34.42 23.95
CA GLY B 392 -14.49 -35.81 23.80
C GLY B 392 -14.99 -36.10 22.39
N VAL B 393 -14.50 -35.39 21.36
CA VAL B 393 -14.89 -35.66 19.94
C VAL B 393 -13.95 -36.70 19.35
N PRO B 394 -14.45 -37.59 18.47
CA PRO B 394 -13.58 -38.47 17.69
C PRO B 394 -12.76 -37.56 16.77
N HIS B 395 -11.50 -37.94 16.54
CA HIS B 395 -10.51 -37.10 15.83
C HIS B 395 -9.61 -37.97 14.96
N ARG B 396 -9.17 -37.41 13.82
CA ARG B 396 -8.05 -37.92 13.01
C ARG B 396 -7.04 -36.78 12.89
N ILE B 397 -6.00 -36.83 13.73
CA ILE B 397 -4.91 -35.83 13.78
C ILE B 397 -3.74 -36.38 12.98
N THR B 398 -3.18 -35.58 12.07
CA THR B 398 -1.98 -35.93 11.27
C THR B 398 -0.93 -34.82 11.45
N GLY B 399 0.27 -35.19 11.90
CA GLY B 399 1.44 -34.31 11.89
C GLY B 399 2.04 -34.28 10.49
N LEU B 400 2.49 -33.12 10.03
CA LEU B 400 3.05 -32.91 8.68
C LEU B 400 4.47 -32.37 8.78
N ALA B 401 5.28 -32.65 7.76
CA ALA B 401 6.62 -32.09 7.57
C ALA B 401 6.49 -30.58 7.41
N PRO B 402 7.36 -29.81 8.08
CA PRO B 402 7.47 -28.39 7.79
C PRO B 402 7.62 -28.20 6.27
N GLY B 403 7.03 -27.13 5.75
CA GLY B 403 7.02 -26.82 4.33
C GLY B 403 5.80 -27.40 3.62
N THR B 404 4.95 -28.16 4.35
CA THR B 404 3.76 -28.83 3.75
C THR B 404 2.59 -27.85 3.70
N LEU B 405 2.25 -27.17 4.80
CA LEU B 405 1.16 -26.15 4.82
C LEU B 405 1.70 -24.78 4.43
N VAL B 406 2.88 -24.45 4.93
CA VAL B 406 3.55 -23.14 4.70
C VAL B 406 4.85 -23.42 3.95
N PRO B 407 4.86 -23.23 2.62
CA PRO B 407 5.99 -23.64 1.80
C PRO B 407 7.25 -22.81 2.13
N ALA B 408 8.42 -23.44 2.00
CA ALA B 408 9.74 -22.84 2.25
C ALA B 408 9.87 -21.55 1.41
N GLU B 409 9.38 -21.54 0.17
CA GLU B 409 9.61 -20.38 -0.74
C GLU B 409 8.86 -19.16 -0.17
N ALA B 410 7.70 -19.31 0.48
CA ALA B 410 7.01 -18.18 1.12
C ALA B 410 7.93 -17.56 2.18
N LEU B 411 8.69 -18.40 2.90
CA LEU B 411 9.51 -17.96 4.04
C LEU B 411 10.86 -17.39 3.56
N THR B 412 11.44 -17.86 2.46
CA THR B 412 12.85 -17.49 2.09
C THR B 412 12.95 -16.83 0.71
N ALA B 413 11.99 -16.98 -0.20
CA ALA B 413 12.19 -16.48 -1.58
C ALA B 413 12.26 -14.95 -1.54
N GLN B 414 13.18 -14.41 -2.32
CA GLN B 414 13.36 -12.95 -2.56
C GLN B 414 12.79 -12.70 -3.95
N ARG B 415 12.25 -11.53 -4.20
CA ARG B 415 11.78 -11.14 -5.54
C ARG B 415 12.26 -9.72 -5.86
N ASP B 416 13.01 -9.56 -6.94
CA ASP B 416 13.33 -8.24 -7.55
C ASP B 416 11.99 -7.49 -7.78
N ILE B 417 11.96 -6.18 -7.56
CA ILE B 417 10.81 -5.33 -7.94
C ILE B 417 11.09 -4.82 -9.35
N LEU B 418 10.69 -5.58 -10.38
CA LEU B 418 11.00 -5.28 -11.80
C LEU B 418 9.95 -4.33 -12.39
N LYS B 419 10.32 -3.67 -13.47
CA LYS B 419 9.42 -2.86 -14.31
C LYS B 419 9.29 -3.59 -15.64
N ALA B 420 8.24 -3.32 -16.40
CA ALA B 420 8.03 -3.90 -17.74
C ALA B 420 9.28 -3.63 -18.61
N ARG B 421 9.66 -4.59 -19.44
CA ARG B 421 10.70 -4.47 -20.48
C ARG B 421 10.18 -5.15 -21.74
N TYR B 422 10.51 -4.56 -22.90
CA TYR B 422 9.97 -5.06 -24.18
C TYR B 422 11.08 -5.66 -25.07
N LEU B 423 12.31 -5.13 -24.96
CA LEU B 423 13.49 -5.62 -25.75
C LEU B 423 14.50 -6.25 -24.78
N PHE B 424 14.91 -7.50 -25.12
CA PHE B 424 15.80 -8.32 -24.27
C PHE B 424 17.06 -8.66 -25.06
N ALA B 425 18.19 -8.84 -24.36
CA ALA B 425 19.44 -9.40 -24.92
C ALA B 425 19.25 -10.92 -25.09
N GLU B 426 20.08 -11.55 -25.91
CA GLU B 426 19.86 -12.97 -26.33
C GLU B 426 19.77 -13.91 -25.12
N ASP B 427 20.55 -13.63 -24.09
CA ASP B 427 20.78 -14.54 -22.94
C ASP B 427 19.78 -14.28 -21.81
N GLU B 428 18.90 -13.28 -21.93
CA GLU B 428 17.91 -12.93 -20.87
C GLU B 428 16.62 -13.75 -21.04
N ASP B 429 15.95 -14.00 -19.93
CA ASP B 429 14.58 -14.58 -19.87
C ASP B 429 13.57 -13.48 -20.24
N TRP B 430 12.98 -13.52 -21.44
CA TRP B 430 11.95 -12.52 -21.86
C TRP B 430 10.57 -12.87 -21.30
N ASP B 431 10.45 -13.92 -20.48
CA ASP B 431 9.19 -14.27 -19.78
C ASP B 431 8.73 -13.12 -18.86
N LYS B 432 9.62 -12.19 -18.47
CA LYS B 432 9.31 -11.08 -17.52
C LYS B 432 8.88 -9.81 -18.27
N ALA B 433 8.57 -9.91 -19.57
CA ALA B 433 8.39 -8.73 -20.47
C ALA B 433 7.21 -7.87 -19.98
N VAL B 434 5.99 -8.34 -20.24
CA VAL B 434 4.73 -7.58 -19.97
C VAL B 434 4.15 -7.99 -18.61
N MET B 435 4.28 -9.26 -18.21
CA MET B 435 3.87 -9.80 -16.87
C MET B 435 5.10 -9.84 -15.96
N TYR B 436 5.44 -8.69 -15.37
CA TYR B 436 6.76 -8.38 -14.75
C TYR B 436 6.69 -8.44 -13.21
N PHE B 437 5.49 -8.66 -12.64
CA PHE B 437 5.24 -8.58 -11.17
C PHE B 437 5.96 -9.74 -10.46
#